data_6YVR
#
_entry.id   6YVR
#
_cell.length_a   89.886
_cell.length_b   114.001
_cell.length_c   195.424
_cell.angle_alpha   90.000
_cell.angle_beta   90.000
_cell.angle_gamma   90.000
#
_symmetry.space_group_name_H-M   'P 21 21 21'
#
loop_
_entity.id
_entity.type
_entity.pdbx_description
1 polymer 'Neurotensin receptor type 1,Neurotensin receptor type 1,DARPin crystallisation chaperone'
2 polymer 'neurotensin NTS8-13 (full agonist)'
3 non-polymer 'nonyl beta-D-glucopyranoside'
4 water water
#
loop_
_entity_poly.entity_id
_entity_poly.type
_entity_poly.pdbx_seq_one_letter_code
_entity_poly.pdbx_strand_id
1 'polypeptide(L)'
;GPGSGPNSDLDVNTDIYSKVLVTAIYLALFVVGTVGNGVTLFTLARKKSLQSLQSRVDYYLGSLALSDLLILLFALPVDL
YNFIWVHHPWAFGDAGCKGYYFLREACTYATALNVVSLSVELYLAICHPFKAKTLMSRSRTKKFISAIWLASALLAIPML
FTMGLQNLSGDGTHPGGLVCTPIVDTATLRVVIQLNTFMSFLFPMLVASILNTVAARRLTVMVHQAAFNMTIEPGRVQAL
RRGVLVLRAVVIAFVVCWLPYHVRRLMFVYISDEQWTTALFDFYHYFYMLSNALVYVSAAINPILYNLAEDLVEDWEKAR
KLLEAARKGQDDEVRILLANGADVNTADETGFTPLHLAAWEGHLGIVEVLLKNGADVNANDERGHTPLHLAAYTGHLEIV
EVLLKNGAGVNATDVIGTAPLHLAAMWGHLEIVEVLLKNGADVNAQDKFGKTPFDLAIDNGNEDIAEVLQKAATRELEVL
FQ
;
AAA,BBB
2 'polypeptide(L)' GGRRPYIL CCC,DDD
#
loop_
_chem_comp.id
_chem_comp.type
_chem_comp.name
_chem_comp.formula
BNG D-saccharide 'nonyl beta-D-glucopyranoside' 'C15 H30 O6'
#
# COMPACT_ATOMS: atom_id res chain seq x y z
N GLY A 5 -43.78 14.23 29.03
CA GLY A 5 -43.14 14.45 30.36
C GLY A 5 -41.91 13.57 30.57
N PRO A 6 -42.09 12.28 30.94
CA PRO A 6 -41.02 11.50 31.59
C PRO A 6 -39.86 11.15 30.66
N ASN A 7 -40.17 10.82 29.40
CA ASN A 7 -39.18 10.41 28.37
C ASN A 7 -39.48 11.11 27.03
N SER A 8 -40.19 12.26 27.06
CA SER A 8 -40.58 13.07 25.88
C SER A 8 -39.34 13.40 25.04
N ASP A 9 -38.26 13.83 25.71
CA ASP A 9 -36.98 14.29 25.09
C ASP A 9 -36.39 13.19 24.22
N LEU A 10 -36.59 11.91 24.60
CA LEU A 10 -35.97 10.76 23.92
C LEU A 10 -36.79 10.34 22.67
N ASP A 11 -37.93 10.98 22.42
CA ASP A 11 -38.78 10.68 21.23
C ASP A 11 -38.08 11.19 19.97
N VAL A 12 -38.13 10.43 18.89
CA VAL A 12 -37.28 10.66 17.67
C VAL A 12 -38.08 11.39 16.59
N ASN A 13 -39.34 11.01 16.36
CA ASN A 13 -40.27 11.76 15.47
C ASN A 13 -39.83 11.63 14.01
N THR A 14 -39.63 10.41 13.54
CA THR A 14 -39.60 10.02 12.11
C THR A 14 -41.00 9.52 11.76
N ASP A 15 -41.57 9.95 10.63
CA ASP A 15 -42.95 9.60 10.20
C ASP A 15 -43.04 8.07 10.00
N ILE A 16 -44.26 7.54 9.98
CA ILE A 16 -44.55 6.08 9.84
C ILE A 16 -44.12 5.61 8.45
N TYR A 17 -44.29 6.44 7.42
CA TYR A 17 -43.94 6.11 6.01
C TYR A 17 -42.44 5.79 5.90
N SER A 18 -41.59 6.66 6.46
CA SER A 18 -40.12 6.47 6.59
C SER A 18 -39.81 5.08 7.16
N LYS A 19 -40.41 4.75 8.31
CA LYS A 19 -40.13 3.51 9.07
C LYS A 19 -40.48 2.30 8.21
N VAL A 20 -41.61 2.35 7.51
CA VAL A 20 -42.12 1.22 6.66
C VAL A 20 -41.20 1.06 5.45
N LEU A 21 -40.84 2.17 4.78
CA LEU A 21 -39.96 2.17 3.58
C LEU A 21 -38.57 1.61 3.96
N VAL A 22 -37.98 2.14 5.02
CA VAL A 22 -36.66 1.70 5.57
C VAL A 22 -36.73 0.22 5.94
N THR A 23 -37.84 -0.22 6.56
CA THR A 23 -38.04 -1.64 6.93
C THR A 23 -38.03 -2.51 5.66
N ALA A 24 -38.65 -2.04 4.57
CA ALA A 24 -38.71 -2.75 3.28
C ALA A 24 -37.29 -2.88 2.70
N ILE A 25 -36.53 -1.79 2.66
CA ILE A 25 -35.12 -1.76 2.16
C ILE A 25 -34.27 -2.71 3.01
N TYR A 26 -34.35 -2.61 4.34
CA TYR A 26 -33.58 -3.43 5.32
C TYR A 26 -33.86 -4.92 5.08
N LEU A 27 -35.14 -5.30 4.95
CA LEU A 27 -35.57 -6.71 4.75
C LEU A 27 -35.13 -7.19 3.36
N ALA A 28 -35.23 -6.33 2.35
CA ALA A 28 -34.77 -6.63 0.96
C ALA A 28 -33.25 -6.92 0.99
N LEU A 29 -32.48 -6.04 1.62
CA LEU A 29 -31.00 -6.18 1.75
C LEU A 29 -30.66 -7.39 2.64
N PHE A 30 -31.51 -7.73 3.61
CA PHE A 30 -31.32 -8.92 4.48
C PHE A 30 -31.34 -10.20 3.62
N VAL A 31 -32.34 -10.36 2.73
CA VAL A 31 -32.50 -11.61 1.93
C VAL A 31 -31.44 -11.63 0.82
N VAL A 32 -31.28 -10.53 0.08
CA VAL A 32 -30.27 -10.44 -1.02
C VAL A 32 -28.90 -10.71 -0.43
N GLY A 33 -28.58 -10.05 0.70
CA GLY A 33 -27.27 -10.16 1.38
C GLY A 33 -27.01 -11.54 1.95
N THR A 34 -28.01 -12.15 2.59
CA THR A 34 -27.89 -13.46 3.28
C THR A 34 -27.75 -14.56 2.22
N VAL A 35 -28.57 -14.53 1.16
CA VAL A 35 -28.51 -15.51 0.05
C VAL A 35 -27.17 -15.36 -0.68
N GLY A 36 -26.82 -14.15 -1.11
CA GLY A 36 -25.58 -13.86 -1.85
C GLY A 36 -24.36 -14.34 -1.08
N ASN A 37 -24.23 -13.91 0.18
CA ASN A 37 -23.04 -14.17 1.03
C ASN A 37 -23.08 -15.62 1.53
N GLY A 38 -24.27 -16.16 1.79
CA GLY A 38 -24.47 -17.55 2.23
C GLY A 38 -23.99 -18.53 1.16
N VAL A 39 -24.50 -18.36 -0.06
CA VAL A 39 -24.09 -19.17 -1.24
C VAL A 39 -22.57 -19.04 -1.45
N THR A 40 -22.02 -17.83 -1.34
CA THR A 40 -20.56 -17.58 -1.49
C THR A 40 -19.79 -18.42 -0.47
N LEU A 41 -20.11 -18.29 0.81
CA LEU A 41 -19.45 -19.02 1.91
C LEU A 41 -19.53 -20.53 1.64
N PHE A 42 -20.72 -21.04 1.34
CA PHE A 42 -20.99 -22.48 1.13
C PHE A 42 -20.09 -22.99 -0.01
N THR A 43 -20.23 -22.43 -1.20
CA THR A 43 -19.44 -22.80 -2.41
C THR A 43 -17.94 -22.79 -2.08
N LEU A 44 -17.39 -21.66 -1.64
CA LEU A 44 -15.93 -21.47 -1.43
C LEU A 44 -15.38 -22.53 -0.45
N ALA A 45 -16.16 -22.89 0.57
CA ALA A 45 -15.78 -23.87 1.63
C ALA A 45 -15.57 -25.26 1.01
N ARG A 46 -16.45 -25.64 0.07
CA ARG A 46 -16.50 -26.98 -0.58
C ARG A 46 -15.55 -27.04 -1.79
N LYS A 47 -14.80 -25.96 -2.05
CA LYS A 47 -14.03 -25.75 -3.31
C LYS A 47 -12.57 -26.11 -3.07
N LYS A 48 -11.95 -26.83 -4.01
CA LYS A 48 -10.52 -27.19 -3.99
C LYS A 48 -9.88 -26.77 -5.33
N SER A 49 -8.98 -25.81 -5.28
CA SER A 49 -8.33 -25.18 -6.45
C SER A 49 -6.89 -25.69 -6.60
N LEU A 50 -6.49 -26.08 -7.82
CA LEU A 50 -5.10 -26.53 -8.14
C LEU A 50 -4.13 -25.37 -7.93
N GLN A 51 -4.53 -24.16 -8.32
CA GLN A 51 -3.65 -22.95 -8.36
C GLN A 51 -3.71 -22.22 -7.01
N SER A 52 -2.55 -22.09 -6.34
CA SER A 52 -2.35 -21.42 -5.03
C SER A 52 -3.09 -20.07 -4.98
N LEU A 53 -2.93 -19.23 -6.00
CA LEU A 53 -3.50 -17.86 -6.02
C LEU A 53 -5.03 -17.92 -5.98
N GLN A 54 -5.65 -18.87 -6.70
CA GLN A 54 -7.12 -19.05 -6.70
C GLN A 54 -7.59 -19.40 -5.28
N SER A 55 -6.93 -20.37 -4.64
CA SER A 55 -7.20 -20.78 -3.23
C SER A 55 -7.14 -19.55 -2.32
N ARG A 56 -6.03 -18.83 -2.39
CA ARG A 56 -5.71 -17.69 -1.48
C ARG A 56 -6.77 -16.60 -1.65
N VAL A 57 -7.09 -16.24 -2.90
CA VAL A 57 -8.13 -15.22 -3.20
C VAL A 57 -9.45 -15.66 -2.56
N ASP A 58 -9.84 -16.93 -2.74
CA ASP A 58 -11.11 -17.49 -2.22
C ASP A 58 -11.13 -17.36 -0.67
N TYR A 59 -10.00 -17.54 0.02
CA TYR A 59 -9.95 -17.42 1.51
C TYR A 59 -10.37 -16.01 1.92
N TYR A 60 -9.85 -14.98 1.25
CA TYR A 60 -10.20 -13.56 1.47
C TYR A 60 -11.69 -13.31 1.17
N LEU A 61 -12.21 -13.81 0.04
CA LEU A 61 -13.64 -13.64 -0.34
C LEU A 61 -14.55 -14.31 0.70
N GLY A 62 -14.08 -15.42 1.30
CA GLY A 62 -14.78 -16.12 2.38
C GLY A 62 -14.84 -15.31 3.66
N SER A 63 -13.75 -14.62 3.99
CA SER A 63 -13.68 -13.65 5.12
C SER A 63 -14.70 -12.54 4.90
N LEU A 64 -14.68 -11.93 3.72
CA LEU A 64 -15.57 -10.79 3.37
C LEU A 64 -17.02 -11.25 3.54
N ALA A 65 -17.33 -12.46 3.06
CA ALA A 65 -18.67 -13.08 3.16
C ALA A 65 -19.07 -13.26 4.63
N LEU A 66 -18.16 -13.77 5.48
CA LEU A 66 -18.42 -14.01 6.93
C LEU A 66 -18.74 -12.68 7.62
N SER A 67 -17.92 -11.65 7.43
CA SER A 67 -18.12 -10.31 8.04
C SER A 67 -19.50 -9.78 7.64
N ASP A 68 -19.90 -9.98 6.38
CA ASP A 68 -21.17 -9.46 5.84
C ASP A 68 -22.35 -10.17 6.52
N LEU A 69 -22.26 -11.50 6.68
CA LEU A 69 -23.32 -12.32 7.30
C LEU A 69 -23.49 -11.93 8.78
N LEU A 70 -22.39 -11.71 9.49
CA LEU A 70 -22.45 -11.31 10.91
C LEU A 70 -23.26 -10.02 11.03
N ILE A 71 -23.05 -9.05 10.14
CA ILE A 71 -23.75 -7.73 10.20
C ILE A 71 -25.22 -7.92 9.84
N LEU A 72 -25.52 -8.73 8.82
CA LEU A 72 -26.89 -8.93 8.30
C LEU A 72 -27.72 -9.77 9.29
N LEU A 73 -27.14 -10.80 9.92
CA LEU A 73 -27.88 -11.74 10.80
C LEU A 73 -28.04 -11.17 12.21
N PHE A 74 -27.06 -10.44 12.75
CA PHE A 74 -27.01 -10.04 14.18
C PHE A 74 -27.24 -8.54 14.34
N ALA A 75 -26.56 -7.70 13.57
CA ALA A 75 -26.63 -6.22 13.72
C ALA A 75 -27.96 -5.69 13.15
N LEU A 76 -28.38 -6.17 11.97
CA LEU A 76 -29.53 -5.59 11.21
C LEU A 76 -30.82 -5.72 12.03
N PRO A 77 -31.20 -6.92 12.54
CA PRO A 77 -32.47 -7.06 13.27
C PRO A 77 -32.52 -6.21 14.54
N VAL A 78 -31.42 -6.14 15.29
CA VAL A 78 -31.29 -5.29 16.52
C VAL A 78 -31.48 -3.82 16.11
N ASP A 79 -30.82 -3.39 15.03
CA ASP A 79 -30.87 -2.00 14.52
C ASP A 79 -32.31 -1.67 14.14
N LEU A 80 -32.94 -2.55 13.35
CA LEU A 80 -34.33 -2.40 12.86
C LEU A 80 -35.28 -2.19 14.06
N TYR A 81 -35.15 -2.99 15.12
CA TYR A 81 -36.08 -2.93 16.28
C TYR A 81 -35.80 -1.68 17.14
N ASN A 82 -34.56 -1.49 17.60
CA ASN A 82 -34.24 -0.55 18.70
C ASN A 82 -33.77 0.83 18.20
N PHE A 83 -33.44 1.01 16.92
CA PHE A 83 -32.95 2.32 16.38
C PHE A 83 -33.87 2.88 15.28
N ILE A 84 -34.65 2.04 14.60
CA ILE A 84 -35.64 2.48 13.55
C ILE A 84 -37.02 2.66 14.18
N TRP A 85 -37.50 1.67 14.94
CA TRP A 85 -38.90 1.60 15.43
C TRP A 85 -39.01 2.10 16.88
N VAL A 86 -38.44 1.33 17.83
CA VAL A 86 -38.55 1.60 19.30
C VAL A 86 -37.23 2.20 19.78
N HIS A 87 -37.16 3.53 19.82
CA HIS A 87 -35.92 4.30 20.14
C HIS A 87 -35.57 4.14 21.62
N HIS A 88 -36.58 4.01 22.48
CA HIS A 88 -36.40 3.78 23.95
C HIS A 88 -37.58 2.98 24.49
N PRO A 89 -37.36 2.11 25.51
CA PRO A 89 -36.03 1.83 26.02
C PRO A 89 -35.27 0.80 25.18
N TRP A 90 -33.96 0.68 25.42
CA TRP A 90 -33.09 -0.39 24.88
C TRP A 90 -33.51 -1.72 25.53
N ALA A 91 -33.66 -2.78 24.73
CA ALA A 91 -34.22 -4.09 25.14
C ALA A 91 -33.14 -5.09 25.55
N PHE A 92 -31.89 -4.95 25.09
CA PHE A 92 -30.92 -6.07 24.96
C PHE A 92 -29.83 -6.03 26.04
N GLY A 93 -29.96 -5.17 27.05
CA GLY A 93 -29.05 -5.11 28.20
C GLY A 93 -27.73 -4.43 27.88
N ASP A 94 -26.81 -4.44 28.85
CA ASP A 94 -25.52 -3.71 28.83
C ASP A 94 -24.57 -4.46 27.90
N ALA A 95 -24.46 -5.78 28.04
CA ALA A 95 -23.61 -6.65 27.21
C ALA A 95 -24.06 -6.57 25.74
N GLY A 96 -25.37 -6.54 25.49
CA GLY A 96 -25.94 -6.42 24.13
C GLY A 96 -25.61 -5.08 23.50
N CYS A 97 -25.66 -4.00 24.27
CA CYS A 97 -25.28 -2.62 23.86
C CYS A 97 -23.82 -2.61 23.43
N LYS A 98 -22.93 -3.11 24.27
CA LYS A 98 -21.47 -3.15 23.99
C LYS A 98 -21.17 -4.14 22.86
N GLY A 99 -21.82 -5.30 22.86
CA GLY A 99 -21.60 -6.37 21.86
C GLY A 99 -22.02 -5.90 20.48
N TYR A 100 -23.17 -5.24 20.37
CA TYR A 100 -23.70 -4.70 19.09
C TYR A 100 -22.67 -3.74 18.48
N TYR A 101 -22.19 -2.75 19.25
CA TYR A 101 -21.27 -1.70 18.75
C TYR A 101 -19.88 -2.31 18.53
N PHE A 102 -19.48 -3.30 19.32
CA PHE A 102 -18.18 -4.00 19.16
C PHE A 102 -18.18 -4.76 17.83
N LEU A 103 -19.25 -5.52 17.57
CA LEU A 103 -19.36 -6.38 16.38
C LEU A 103 -19.26 -5.51 15.11
N ARG A 104 -20.04 -4.43 15.06
CA ARG A 104 -20.10 -3.51 13.88
C ARG A 104 -18.73 -2.90 13.61
N GLU A 105 -18.08 -2.36 14.63
CA GLU A 105 -16.71 -1.78 14.51
C GLU A 105 -15.72 -2.84 13.99
N ALA A 106 -15.69 -4.03 14.60
CA ALA A 106 -14.71 -5.09 14.30
C ALA A 106 -14.89 -5.56 12.85
N CYS A 107 -16.14 -5.57 12.37
CA CYS A 107 -16.49 -6.05 11.01
C CYS A 107 -15.97 -5.06 9.95
N THR A 108 -16.02 -3.76 10.22
CA THR A 108 -15.48 -2.72 9.31
C THR A 108 -13.97 -2.90 9.16
N TYR A 109 -13.23 -3.12 10.26
CA TYR A 109 -11.76 -3.32 10.22
C TYR A 109 -11.45 -4.60 9.42
N ALA A 110 -12.22 -5.65 9.66
CA ALA A 110 -12.03 -6.98 9.02
C ALA A 110 -12.22 -6.84 7.51
N THR A 111 -13.27 -6.13 7.09
CA THR A 111 -13.57 -5.87 5.65
C THR A 111 -12.40 -5.09 5.04
N ALA A 112 -12.03 -3.97 5.66
CA ALA A 112 -10.99 -3.03 5.16
C ALA A 112 -9.68 -3.78 5.01
N LEU A 113 -9.27 -4.55 6.02
CA LEU A 113 -7.95 -5.24 6.05
C LEU A 113 -7.96 -6.38 5.03
N ASN A 114 -9.10 -7.09 4.89
CA ASN A 114 -9.28 -8.16 3.87
C ASN A 114 -9.14 -7.55 2.47
N VAL A 115 -9.76 -6.40 2.20
CA VAL A 115 -9.67 -5.70 0.88
C VAL A 115 -8.22 -5.30 0.58
N VAL A 116 -7.53 -4.62 1.49
CA VAL A 116 -6.11 -4.20 1.32
C VAL A 116 -5.23 -5.44 1.07
N SER A 117 -5.43 -6.53 1.82
CA SER A 117 -4.62 -7.77 1.71
C SER A 117 -4.83 -8.42 0.33
N LEU A 118 -6.06 -8.40 -0.14
CA LEU A 118 -6.46 -8.93 -1.46
C LEU A 118 -5.70 -8.14 -2.53
N SER A 119 -5.73 -6.81 -2.41
CA SER A 119 -5.10 -5.89 -3.39
C SER A 119 -3.58 -6.08 -3.38
N VAL A 120 -2.97 -6.46 -2.26
CA VAL A 120 -1.51 -6.79 -2.17
C VAL A 120 -1.22 -8.12 -2.90
N GLU A 121 -2.04 -9.15 -2.67
CA GLU A 121 -1.84 -10.49 -3.29
C GLU A 121 -1.96 -10.37 -4.82
N LEU A 122 -2.90 -9.56 -5.32
CA LEU A 122 -3.08 -9.32 -6.79
C LEU A 122 -1.88 -8.54 -7.32
N TYR A 123 -1.46 -7.49 -6.62
CA TYR A 123 -0.31 -6.66 -7.04
C TYR A 123 0.91 -7.57 -7.27
N LEU A 124 1.20 -8.46 -6.31
CA LEU A 124 2.38 -9.38 -6.36
C LEU A 124 2.22 -10.39 -7.50
N ALA A 125 1.02 -10.95 -7.68
CA ALA A 125 0.68 -11.86 -8.79
C ALA A 125 1.05 -11.22 -10.15
N ILE A 126 0.69 -9.96 -10.32
CA ILE A 126 0.91 -9.21 -11.59
C ILE A 126 2.36 -8.73 -11.67
N CYS A 127 2.92 -8.11 -10.63
CA CYS A 127 4.20 -7.35 -10.72
C CYS A 127 5.40 -8.17 -10.25
N HIS A 128 5.21 -9.20 -9.42
CA HIS A 128 6.31 -10.06 -8.89
C HIS A 128 5.91 -11.53 -8.97
N PRO A 129 5.48 -12.02 -10.14
CA PRO A 129 4.98 -13.39 -10.27
C PRO A 129 5.95 -14.46 -9.74
N PHE A 130 7.23 -14.39 -10.12
CA PHE A 130 8.28 -15.38 -9.76
C PHE A 130 8.49 -15.41 -8.24
N LYS A 131 8.66 -14.24 -7.60
CA LYS A 131 8.82 -14.14 -6.12
C LYS A 131 7.53 -14.56 -5.43
N ALA A 132 6.37 -14.24 -6.01
CA ALA A 132 5.03 -14.60 -5.48
C ALA A 132 4.86 -16.13 -5.47
N LYS A 133 5.35 -16.84 -6.49
CA LYS A 133 5.29 -18.33 -6.57
C LYS A 133 5.94 -18.97 -5.34
N THR A 134 6.97 -18.34 -4.75
CA THR A 134 7.78 -18.91 -3.63
C THR A 134 7.38 -18.30 -2.29
N LEU A 135 7.33 -16.97 -2.18
CA LEU A 135 7.09 -16.23 -0.90
C LEU A 135 5.66 -16.46 -0.39
N MET A 136 4.74 -16.96 -1.22
CA MET A 136 3.31 -17.12 -0.86
C MET A 136 3.01 -18.61 -0.63
N SER A 137 2.01 -18.92 0.20
CA SER A 137 1.50 -20.28 0.48
C SER A 137 0.07 -20.21 1.06
N ARG A 138 -0.73 -21.23 0.80
CA ARG A 138 -2.15 -21.32 1.23
C ARG A 138 -2.23 -21.20 2.76
N SER A 139 -1.39 -21.94 3.48
CA SER A 139 -1.46 -22.07 4.96
C SER A 139 -1.03 -20.77 5.63
N ARG A 140 -0.05 -20.06 5.05
CA ARG A 140 0.42 -18.74 5.53
C ARG A 140 -0.64 -17.66 5.33
N THR A 141 -1.38 -17.68 4.22
CA THR A 141 -2.52 -16.77 3.94
C THR A 141 -3.62 -16.99 4.98
N LYS A 142 -3.90 -18.25 5.36
CA LYS A 142 -4.91 -18.60 6.38
C LYS A 142 -4.50 -18.00 7.72
N LYS A 143 -3.25 -18.21 8.15
CA LYS A 143 -2.67 -17.63 9.38
C LYS A 143 -2.80 -16.10 9.37
N PHE A 144 -2.51 -15.47 8.23
CA PHE A 144 -2.58 -13.99 8.07
C PHE A 144 -4.03 -13.53 8.20
N ILE A 145 -5.00 -14.26 7.65
CA ILE A 145 -6.44 -13.90 7.74
C ILE A 145 -6.89 -14.01 9.22
N SER A 146 -6.36 -14.97 9.97
CA SER A 146 -6.61 -15.11 11.43
C SER A 146 -6.09 -13.88 12.18
N ALA A 147 -4.86 -13.46 11.88
CA ALA A 147 -4.24 -12.24 12.44
C ALA A 147 -5.10 -11.01 12.13
N ILE A 148 -5.68 -10.94 10.92
CA ILE A 148 -6.57 -9.81 10.49
C ILE A 148 -7.77 -9.76 11.44
N TRP A 149 -8.42 -10.89 11.67
CA TRP A 149 -9.62 -10.96 12.53
C TRP A 149 -9.28 -10.56 13.97
N LEU A 150 -8.13 -11.02 14.49
CA LEU A 150 -7.69 -10.68 15.87
C LEU A 150 -7.40 -9.18 15.94
N ALA A 151 -6.67 -8.64 14.96
CA ALA A 151 -6.37 -7.18 14.85
C ALA A 151 -7.67 -6.38 14.83
N SER A 152 -8.67 -6.85 14.09
CA SER A 152 -9.98 -6.18 13.94
C SER A 152 -10.70 -6.13 15.30
N ALA A 153 -10.66 -7.24 16.06
CA ALA A 153 -11.26 -7.35 17.41
C ALA A 153 -10.54 -6.40 18.37
N LEU A 154 -9.21 -6.36 18.34
CA LEU A 154 -8.39 -5.46 19.18
C LEU A 154 -8.71 -3.99 18.86
N LEU A 155 -8.87 -3.61 17.58
CA LEU A 155 -9.09 -2.19 17.21
C LEU A 155 -10.51 -1.75 17.60
N ALA A 156 -11.41 -2.71 17.86
CA ALA A 156 -12.82 -2.47 18.23
C ALA A 156 -13.00 -2.46 19.76
N ILE A 157 -11.95 -2.74 20.54
CA ILE A 157 -12.04 -2.80 22.03
C ILE A 157 -12.55 -1.47 22.59
N PRO A 158 -12.14 -0.28 22.08
CA PRO A 158 -12.67 0.98 22.59
C PRO A 158 -14.21 1.06 22.65
N MET A 159 -14.93 0.38 21.76
CA MET A 159 -16.41 0.40 21.75
C MET A 159 -16.95 -0.29 23.02
N LEU A 160 -16.21 -1.24 23.58
CA LEU A 160 -16.62 -1.92 24.85
C LEU A 160 -16.61 -0.91 26.02
N PHE A 161 -15.76 0.12 25.97
CA PHE A 161 -15.57 1.14 27.03
C PHE A 161 -16.25 2.47 26.69
N THR A 162 -16.59 2.75 25.44
CA THR A 162 -17.18 4.08 25.06
C THR A 162 -18.71 3.99 25.05
N MET A 163 -19.27 2.80 24.82
CA MET A 163 -20.74 2.57 24.71
C MET A 163 -21.24 1.79 25.92
N GLY A 164 -22.47 2.08 26.39
CA GLY A 164 -23.12 1.36 27.49
C GLY A 164 -24.54 1.86 27.75
N LEU A 165 -25.19 1.35 28.81
CA LEU A 165 -26.57 1.76 29.19
C LEU A 165 -26.52 3.03 30.02
N GLN A 166 -27.47 3.93 29.77
CA GLN A 166 -27.70 5.11 30.63
C GLN A 166 -29.20 5.34 30.74
N ASN A 167 -29.65 5.83 31.90
CA ASN A 167 -31.03 6.28 32.09
C ASN A 167 -31.08 7.79 31.84
N LEU A 168 -31.64 8.18 30.69
CA LEU A 168 -31.76 9.60 30.24
C LEU A 168 -33.18 10.09 30.47
N SER A 169 -33.97 9.43 31.31
CA SER A 169 -35.26 10.00 31.81
C SER A 169 -34.92 11.22 32.66
N GLY A 170 -35.89 12.13 32.85
CA GLY A 170 -35.71 13.39 33.58
C GLY A 170 -34.83 13.24 34.82
N ASP A 171 -35.14 12.28 35.69
CA ASP A 171 -34.46 12.09 37.00
C ASP A 171 -33.64 10.80 37.01
N GLY A 172 -33.57 10.08 35.89
CA GLY A 172 -32.70 8.90 35.70
C GLY A 172 -33.24 7.66 36.39
N THR A 173 -34.54 7.58 36.68
CA THR A 173 -35.15 6.45 37.42
C THR A 173 -36.21 5.72 36.58
N HIS A 174 -36.81 6.37 35.58
CA HIS A 174 -37.89 5.79 34.74
C HIS A 174 -37.31 4.72 33.81
N PRO A 175 -37.83 3.47 33.84
CA PRO A 175 -37.30 2.38 33.01
C PRO A 175 -37.41 2.60 31.49
N GLY A 176 -38.32 3.47 31.05
CA GLY A 176 -38.48 3.83 29.63
C GLY A 176 -37.33 4.67 29.09
N GLY A 177 -36.57 5.34 29.96
CA GLY A 177 -35.45 6.23 29.62
C GLY A 177 -34.12 5.49 29.60
N LEU A 178 -34.15 4.17 29.63
CA LEU A 178 -32.94 3.32 29.61
C LEU A 178 -32.52 3.11 28.14
N VAL A 179 -31.36 3.64 27.74
CA VAL A 179 -30.89 3.71 26.33
C VAL A 179 -29.44 3.23 26.24
N CYS A 180 -29.10 2.61 25.10
CA CYS A 180 -27.73 2.31 24.64
C CYS A 180 -27.17 3.56 23.94
N THR A 181 -26.09 4.12 24.47
CA THR A 181 -25.58 5.48 24.13
C THR A 181 -24.10 5.56 24.54
N PRO A 182 -23.31 6.55 24.03
CA PRO A 182 -21.96 6.77 24.53
C PRO A 182 -21.95 7.16 26.02
N ILE A 183 -21.00 6.61 26.78
CA ILE A 183 -20.88 6.80 28.25
C ILE A 183 -19.56 7.51 28.56
N VAL A 184 -18.97 8.18 27.58
CA VAL A 184 -17.68 8.93 27.74
C VAL A 184 -17.92 10.35 27.25
N ASP A 185 -17.06 11.29 27.61
CA ASP A 185 -17.18 12.70 27.18
C ASP A 185 -16.96 12.78 25.66
N THR A 186 -17.30 13.93 25.07
CA THR A 186 -17.19 14.20 23.61
C THR A 186 -15.74 14.05 23.17
N ALA A 187 -14.79 14.54 23.97
CA ALA A 187 -13.33 14.53 23.67
C ALA A 187 -12.88 13.09 23.44
N THR A 188 -13.29 12.18 24.33
CA THR A 188 -12.95 10.74 24.25
C THR A 188 -13.64 10.12 23.04
N LEU A 189 -14.93 10.44 22.83
CA LEU A 189 -15.74 9.86 21.74
C LEU A 189 -15.13 10.30 20.39
N ARG A 190 -14.71 11.56 20.27
CA ARG A 190 -14.05 12.12 19.06
C ARG A 190 -12.86 11.25 18.66
N VAL A 191 -12.01 10.94 19.63
CA VAL A 191 -10.78 10.12 19.45
C VAL A 191 -11.15 8.78 18.83
N VAL A 192 -12.18 8.10 19.37
CA VAL A 192 -12.49 6.70 18.93
C VAL A 192 -13.15 6.74 17.55
N ILE A 193 -13.97 7.74 17.27
CA ILE A 193 -14.67 7.89 15.96
C ILE A 193 -13.64 8.20 14.87
N GLN A 194 -12.65 9.04 15.18
CA GLN A 194 -11.54 9.38 14.25
C GLN A 194 -10.67 8.17 13.98
N LEU A 195 -10.34 7.39 15.02
CA LEU A 195 -9.62 6.10 14.89
C LEU A 195 -10.30 5.24 13.81
N ASN A 196 -11.63 5.12 13.86
CA ASN A 196 -12.38 4.24 12.92
C ASN A 196 -12.37 4.86 11.51
N THR A 197 -12.60 6.16 11.39
CA THR A 197 -12.68 6.88 10.09
C THR A 197 -11.32 6.76 9.37
N PHE A 198 -10.23 6.88 10.10
CA PHE A 198 -8.87 6.75 9.56
C PHE A 198 -8.59 5.29 9.23
N MET A 199 -8.70 4.38 10.21
CA MET A 199 -8.07 3.04 10.16
C MET A 199 -9.01 1.99 9.54
N SER A 200 -10.32 2.24 9.43
CA SER A 200 -11.26 1.31 8.75
C SER A 200 -11.69 1.85 7.38
N PHE A 201 -11.38 3.10 7.04
CA PHE A 201 -11.96 3.79 5.87
C PHE A 201 -10.86 4.50 5.05
N LEU A 202 -10.46 5.70 5.45
CA LEU A 202 -9.54 6.58 4.67
C LEU A 202 -8.24 5.83 4.34
N PHE A 203 -7.48 5.41 5.34
CA PHE A 203 -6.14 4.83 5.14
C PHE A 203 -6.22 3.54 4.32
N PRO A 204 -6.97 2.49 4.73
CA PRO A 204 -6.97 1.23 3.98
C PRO A 204 -7.51 1.38 2.55
N MET A 205 -8.55 2.19 2.33
CA MET A 205 -9.16 2.33 0.97
C MET A 205 -8.21 3.11 0.06
N LEU A 206 -7.46 4.06 0.60
CA LEU A 206 -6.45 4.83 -0.16
C LEU A 206 -5.33 3.89 -0.63
N VAL A 207 -4.87 3.00 0.26
CA VAL A 207 -3.80 1.99 -0.05
C VAL A 207 -4.34 0.98 -1.06
N ALA A 208 -5.57 0.48 -0.93
CA ALA A 208 -6.16 -0.50 -1.86
C ALA A 208 -6.33 0.13 -3.26
N SER A 209 -6.75 1.40 -3.32
CA SER A 209 -6.92 2.18 -4.56
C SER A 209 -5.58 2.31 -5.30
N ILE A 210 -4.52 2.71 -4.59
CA ILE A 210 -3.17 2.87 -5.19
C ILE A 210 -2.72 1.52 -5.75
N LEU A 211 -2.73 0.46 -4.94
CA LEU A 211 -2.25 -0.88 -5.34
C LEU A 211 -3.06 -1.37 -6.55
N ASN A 212 -4.37 -1.07 -6.57
CA ASN A 212 -5.30 -1.56 -7.60
C ASN A 212 -5.04 -0.83 -8.93
N THR A 213 -4.81 0.48 -8.86
CA THR A 213 -4.48 1.34 -10.02
C THR A 213 -3.17 0.84 -10.63
N VAL A 214 -2.11 0.76 -9.83
CA VAL A 214 -0.75 0.39 -10.29
C VAL A 214 -0.81 -1.00 -10.94
N ALA A 215 -1.49 -1.96 -10.31
CA ALA A 215 -1.67 -3.34 -10.82
C ALA A 215 -2.35 -3.34 -12.19
N ALA A 216 -3.39 -2.52 -12.37
CA ALA A 216 -4.20 -2.41 -13.60
C ALA A 216 -3.32 -1.91 -14.75
N ARG A 217 -2.57 -0.83 -14.53
CA ARG A 217 -1.62 -0.23 -15.51
C ARG A 217 -0.54 -1.27 -15.86
N ARG A 218 0.09 -1.87 -14.85
CA ARG A 218 1.22 -2.81 -15.01
C ARG A 218 0.76 -4.03 -15.82
N LEU A 219 -0.46 -4.49 -15.60
CA LEU A 219 -1.07 -5.62 -16.37
C LEU A 219 -1.17 -5.21 -17.86
N THR A 220 -1.64 -3.98 -18.14
CA THR A 220 -1.81 -3.42 -19.51
C THR A 220 -0.46 -3.38 -20.23
N VAL A 221 0.60 -2.92 -19.54
CA VAL A 221 2.00 -2.82 -20.05
C VAL A 221 2.56 -4.23 -20.31
N MET A 222 2.44 -5.13 -19.33
CA MET A 222 2.98 -6.51 -19.41
C MET A 222 2.20 -7.33 -20.44
N VAL A 223 0.94 -6.98 -20.71
CA VAL A 223 0.12 -7.56 -21.83
C VAL A 223 0.58 -6.92 -23.14
N HIS A 224 0.53 -5.59 -23.25
CA HIS A 224 0.89 -4.81 -24.47
C HIS A 224 2.25 -5.25 -25.00
N GLN A 225 3.26 -5.36 -24.13
CA GLN A 225 4.65 -5.71 -24.52
C GLN A 225 4.67 -7.17 -24.99
N ILE A 232 3.00 -15.53 -22.73
CA ILE A 232 2.10 -15.18 -21.59
C ILE A 232 0.95 -16.20 -21.53
N GLU A 233 0.18 -16.21 -20.43
CA GLU A 233 -0.97 -17.13 -20.21
C GLU A 233 -2.27 -16.36 -20.44
N PRO A 234 -2.99 -16.59 -21.57
CA PRO A 234 -4.22 -15.86 -21.85
C PRO A 234 -5.23 -15.95 -20.69
N GLY A 235 -5.39 -17.16 -20.14
CA GLY A 235 -6.37 -17.45 -19.07
C GLY A 235 -6.02 -16.75 -17.76
N ARG A 236 -4.72 -16.59 -17.48
CA ARG A 236 -4.24 -15.89 -16.26
C ARG A 236 -4.54 -14.39 -16.39
N VAL A 237 -4.18 -13.79 -17.52
CA VAL A 237 -4.41 -12.34 -17.81
C VAL A 237 -5.91 -12.03 -17.68
N GLN A 238 -6.77 -12.86 -18.31
CA GLN A 238 -8.24 -12.71 -18.29
C GLN A 238 -8.72 -12.69 -16.82
N ALA A 239 -8.28 -13.65 -16.01
CA ALA A 239 -8.66 -13.81 -14.59
C ALA A 239 -8.16 -12.63 -13.76
N LEU A 240 -6.89 -12.22 -13.94
CA LEU A 240 -6.25 -11.10 -13.21
C LEU A 240 -6.99 -9.80 -13.56
N ARG A 241 -7.33 -9.59 -14.84
CA ARG A 241 -8.05 -8.38 -15.30
C ARG A 241 -9.43 -8.33 -14.65
N ARG A 242 -10.12 -9.47 -14.53
CA ARG A 242 -11.43 -9.54 -13.84
C ARG A 242 -11.24 -9.19 -12.36
N GLY A 243 -10.24 -9.76 -11.69
CA GLY A 243 -9.95 -9.56 -10.25
C GLY A 243 -9.69 -8.09 -9.93
N VAL A 244 -8.81 -7.45 -10.69
CA VAL A 244 -8.46 -6.01 -10.56
C VAL A 244 -9.72 -5.16 -10.70
N LEU A 245 -10.58 -5.45 -11.68
CA LEU A 245 -11.76 -4.61 -12.00
C LEU A 245 -12.88 -4.85 -10.97
N VAL A 246 -13.06 -6.09 -10.52
CA VAL A 246 -14.00 -6.45 -9.43
C VAL A 246 -13.56 -5.73 -8.15
N LEU A 247 -12.28 -5.86 -7.79
CA LEU A 247 -11.74 -5.26 -6.55
C LEU A 247 -11.88 -3.73 -6.62
N ARG A 248 -11.73 -3.13 -7.80
CA ARG A 248 -11.93 -1.68 -8.00
C ARG A 248 -13.39 -1.30 -7.72
N ALA A 249 -14.35 -2.10 -8.16
CA ALA A 249 -15.79 -1.88 -7.94
C ALA A 249 -16.12 -2.04 -6.45
N VAL A 250 -15.50 -3.02 -5.79
CA VAL A 250 -15.62 -3.29 -4.33
C VAL A 250 -15.15 -2.05 -3.54
N VAL A 251 -13.96 -1.55 -3.84
CA VAL A 251 -13.37 -0.34 -3.18
C VAL A 251 -14.30 0.86 -3.37
N ILE A 252 -14.72 1.15 -4.61
CA ILE A 252 -15.63 2.30 -4.92
C ILE A 252 -16.95 2.14 -4.16
N ALA A 253 -17.55 0.95 -4.21
CA ALA A 253 -18.80 0.59 -3.50
C ALA A 253 -18.63 0.84 -1.99
N PHE A 254 -17.50 0.43 -1.43
CA PHE A 254 -17.20 0.59 0.01
C PHE A 254 -17.17 2.09 0.33
N VAL A 255 -16.44 2.89 -0.44
CA VAL A 255 -16.24 4.35 -0.19
C VAL A 255 -17.57 5.09 -0.28
N VAL A 256 -18.37 4.82 -1.30
CA VAL A 256 -19.71 5.45 -1.48
C VAL A 256 -20.62 5.09 -0.30
N CYS A 257 -20.69 3.81 0.09
CA CYS A 257 -21.64 3.30 1.11
C CYS A 257 -21.28 3.76 2.53
N TRP A 258 -20.00 3.95 2.84
CA TRP A 258 -19.51 4.25 4.21
C TRP A 258 -19.31 5.75 4.45
N LEU A 259 -19.23 6.58 3.41
CA LEU A 259 -18.93 8.02 3.59
C LEU A 259 -20.05 8.68 4.41
N PRO A 260 -21.34 8.49 4.07
CA PRO A 260 -22.42 9.09 4.87
C PRO A 260 -22.35 8.70 6.36
N TYR A 261 -22.13 7.42 6.66
CA TYR A 261 -21.99 6.85 8.02
C TYR A 261 -20.91 7.59 8.83
N HIS A 262 -19.73 7.75 8.26
CA HIS A 262 -18.61 8.46 8.93
C HIS A 262 -18.95 9.94 9.11
N VAL A 263 -19.64 10.54 8.15
CA VAL A 263 -20.07 11.96 8.24
C VAL A 263 -21.08 12.08 9.39
N ARG A 264 -22.04 11.16 9.49
CA ARG A 264 -23.07 11.14 10.56
C ARG A 264 -22.39 11.04 11.94
N ARG A 265 -21.41 10.16 12.11
CA ARG A 265 -20.72 9.95 13.41
C ARG A 265 -19.90 11.18 13.76
N LEU A 266 -19.26 11.82 12.78
CA LEU A 266 -18.47 13.07 13.00
C LEU A 266 -19.45 14.20 13.34
N MET A 267 -20.64 14.19 12.74
CA MET A 267 -21.72 15.17 13.04
C MET A 267 -22.10 15.06 14.52
N PHE A 268 -22.20 13.83 15.05
CA PHE A 268 -22.62 13.51 16.44
C PHE A 268 -21.66 14.11 17.47
N VAL A 269 -20.36 14.18 17.20
CA VAL A 269 -19.34 14.67 18.17
C VAL A 269 -18.85 16.09 17.84
N TYR A 270 -19.11 16.64 16.65
CA TYR A 270 -18.52 17.94 16.24
C TYR A 270 -19.55 19.07 16.30
N ILE A 271 -20.84 18.78 16.14
CA ILE A 271 -21.88 19.84 16.25
C ILE A 271 -22.10 20.17 17.73
N SER A 272 -22.12 21.45 18.09
CA SER A 272 -22.27 21.96 19.48
C SER A 272 -23.75 21.93 19.88
N ASP A 273 -24.01 21.82 21.19
CA ASP A 273 -25.38 21.77 21.78
C ASP A 273 -26.26 22.86 21.16
N GLU A 274 -25.77 24.09 21.10
CA GLU A 274 -26.53 25.29 20.67
C GLU A 274 -27.03 25.10 19.22
N GLN A 275 -26.27 24.40 18.38
CA GLN A 275 -26.62 24.19 16.95
C GLN A 275 -27.62 23.04 16.84
N TRP A 276 -27.74 22.21 17.89
CA TRP A 276 -28.68 21.05 17.92
C TRP A 276 -30.11 21.57 18.14
N THR A 277 -30.71 22.10 17.08
CA THR A 277 -32.15 22.43 16.98
C THR A 277 -32.93 21.13 16.84
N THR A 278 -34.26 21.20 17.02
CA THR A 278 -35.17 20.04 16.80
C THR A 278 -35.10 19.68 15.31
N ALA A 279 -35.04 20.68 14.44
CA ALA A 279 -34.87 20.54 12.97
C ALA A 279 -33.64 19.67 12.67
N LEU A 280 -32.50 19.98 13.30
CA LEU A 280 -31.22 19.26 13.08
C LEU A 280 -31.28 17.87 13.72
N PHE A 281 -31.89 17.77 14.91
CA PHE A 281 -32.21 16.51 15.62
C PHE A 281 -33.07 15.61 14.72
N ASP A 282 -34.10 16.20 14.10
CA ASP A 282 -35.04 15.49 13.19
C ASP A 282 -34.29 15.04 11.93
N PHE A 283 -33.47 15.90 11.35
CA PHE A 283 -32.65 15.61 10.16
C PHE A 283 -31.74 14.41 10.45
N TYR A 284 -31.06 14.45 11.59
CA TYR A 284 -30.08 13.41 12.03
C TYR A 284 -30.71 12.02 11.93
N HIS A 285 -31.93 11.84 12.45
CA HIS A 285 -32.56 10.49 12.60
C HIS A 285 -33.06 10.01 11.23
N TYR A 286 -33.33 10.92 10.30
CA TYR A 286 -33.58 10.60 8.87
C TYR A 286 -32.24 10.23 8.19
N PHE A 287 -31.20 11.02 8.42
CA PHE A 287 -29.84 10.77 7.89
C PHE A 287 -29.39 9.37 8.35
N TYR A 288 -29.65 9.03 9.62
CA TYR A 288 -29.34 7.70 10.22
C TYR A 288 -29.95 6.59 9.35
N MET A 289 -31.25 6.69 9.01
CA MET A 289 -31.95 5.68 8.17
C MET A 289 -31.19 5.48 6.85
N LEU A 290 -30.89 6.56 6.13
CA LEU A 290 -30.18 6.50 4.82
C LEU A 290 -28.80 5.86 5.01
N SER A 291 -27.99 6.36 5.95
CA SER A 291 -26.57 5.97 6.14
C SER A 291 -26.46 4.52 6.61
N ASN A 292 -27.41 4.02 7.40
CA ASN A 292 -27.40 2.63 7.92
C ASN A 292 -27.92 1.69 6.81
N ALA A 293 -28.84 2.15 5.98
CA ALA A 293 -29.30 1.46 4.75
C ALA A 293 -28.09 1.16 3.86
N LEU A 294 -27.26 2.18 3.60
CA LEU A 294 -26.06 2.07 2.73
C LEU A 294 -25.04 1.10 3.35
N VAL A 295 -24.99 1.01 4.68
CA VAL A 295 -24.10 0.02 5.37
C VAL A 295 -24.57 -1.39 4.97
N TYR A 296 -25.87 -1.66 4.94
CA TYR A 296 -26.41 -3.00 4.60
C TYR A 296 -26.28 -3.26 3.08
N VAL A 297 -26.34 -2.21 2.24
CA VAL A 297 -26.02 -2.32 0.79
C VAL A 297 -24.59 -2.86 0.63
N SER A 298 -23.65 -2.27 1.38
CA SER A 298 -22.22 -2.69 1.47
C SER A 298 -22.14 -4.20 1.78
N ALA A 299 -22.96 -4.70 2.71
CA ALA A 299 -22.96 -6.11 3.16
C ALA A 299 -23.56 -7.05 2.09
N ALA A 300 -24.35 -6.51 1.15
CA ALA A 300 -25.15 -7.31 0.20
C ALA A 300 -24.55 -7.28 -1.21
N ILE A 301 -23.72 -6.30 -1.53
CA ILE A 301 -23.36 -5.93 -2.93
C ILE A 301 -22.23 -6.81 -3.51
N ASN A 302 -21.24 -7.22 -2.71
CA ASN A 302 -20.02 -7.93 -3.19
C ASN A 302 -20.38 -9.14 -4.05
N PRO A 303 -21.27 -10.07 -3.59
CA PRO A 303 -21.63 -11.24 -4.40
C PRO A 303 -22.22 -10.85 -5.76
N ILE A 304 -22.97 -9.75 -5.81
CA ILE A 304 -23.53 -9.18 -7.07
C ILE A 304 -22.37 -8.70 -7.94
N LEU A 305 -21.41 -7.99 -7.37
CA LEU A 305 -20.23 -7.46 -8.11
C LEU A 305 -19.45 -8.61 -8.74
N TYR A 306 -19.28 -9.74 -8.04
CA TYR A 306 -18.57 -10.93 -8.58
C TYR A 306 -19.27 -11.38 -9.87
N ASN A 307 -20.60 -11.31 -9.91
CA ASN A 307 -21.44 -11.76 -11.06
C ASN A 307 -21.34 -10.77 -12.24
N LEU A 308 -20.91 -9.52 -12.02
CA LEU A 308 -20.81 -8.48 -13.08
C LEU A 308 -19.37 -8.36 -13.60
N ALA A 309 -18.49 -9.30 -13.26
CA ALA A 309 -17.06 -9.34 -13.64
C ALA A 309 -16.88 -9.11 -15.15
N GLU A 310 -17.61 -9.81 -16.01
CA GLU A 310 -17.48 -9.70 -17.50
C GLU A 310 -18.01 -8.32 -17.93
N ASP A 311 -19.07 -7.81 -17.30
CA ASP A 311 -19.63 -6.46 -17.58
C ASP A 311 -18.58 -5.39 -17.25
N LEU A 312 -17.89 -5.54 -16.12
CA LEU A 312 -16.85 -4.58 -15.66
C LEU A 312 -15.70 -4.56 -16.67
N VAL A 313 -15.33 -5.73 -17.19
CA VAL A 313 -14.25 -5.87 -18.21
C VAL A 313 -14.69 -5.14 -19.50
N GLU A 314 -15.97 -5.24 -19.88
CA GLU A 314 -16.54 -4.58 -21.09
C GLU A 314 -16.50 -3.06 -20.93
N ASP A 315 -17.05 -2.53 -19.84
CA ASP A 315 -17.02 -1.07 -19.50
C ASP A 315 -15.58 -0.56 -19.63
N TRP A 316 -14.64 -1.30 -19.04
CA TRP A 316 -13.19 -0.99 -19.06
C TRP A 316 -12.64 -1.01 -20.49
N GLU A 317 -13.02 -2.00 -21.29
CA GLU A 317 -12.57 -2.16 -22.71
C GLU A 317 -13.08 -0.98 -23.54
N LYS A 318 -14.32 -0.54 -23.29
CA LYS A 318 -14.99 0.58 -24.03
C LYS A 318 -14.27 1.89 -23.71
N ALA A 319 -14.09 2.18 -22.42
CA ALA A 319 -13.40 3.39 -21.91
C ALA A 319 -12.01 3.50 -22.56
N ARG A 320 -11.26 2.40 -22.59
CA ARG A 320 -9.85 2.35 -23.06
C ARG A 320 -9.82 2.51 -24.59
N LYS A 321 -10.86 2.03 -25.28
CA LYS A 321 -10.99 2.14 -26.76
C LYS A 321 -11.34 3.58 -27.14
N LEU A 322 -12.12 4.28 -26.32
CA LEU A 322 -12.49 5.71 -26.54
C LEU A 322 -11.23 6.58 -26.43
N LEU A 323 -10.33 6.26 -25.49
CA LEU A 323 -9.03 6.97 -25.30
C LEU A 323 -8.15 6.86 -26.55
N GLU A 324 -8.06 5.66 -27.14
CA GLU A 324 -7.25 5.39 -28.36
C GLU A 324 -7.93 6.06 -29.56
N ALA A 325 -9.26 6.01 -29.62
CA ALA A 325 -10.10 6.60 -30.69
C ALA A 325 -9.89 8.13 -30.72
N ALA A 326 -9.90 8.75 -29.53
CA ALA A 326 -9.78 10.21 -29.34
C ALA A 326 -8.35 10.68 -29.65
N ARG A 327 -7.33 9.87 -29.32
CA ARG A 327 -5.90 10.20 -29.58
C ARG A 327 -5.57 9.94 -31.07
N LYS A 328 -5.79 8.71 -31.56
CA LYS A 328 -5.35 8.22 -32.89
C LYS A 328 -6.02 9.04 -34.01
N GLY A 329 -7.20 9.60 -33.73
CA GLY A 329 -7.96 10.46 -34.68
C GLY A 329 -8.95 9.66 -35.50
N GLN A 330 -9.68 8.77 -34.84
CA GLN A 330 -10.73 7.88 -35.44
C GLN A 330 -12.09 8.47 -35.08
N ASP A 331 -12.51 9.53 -35.79
CA ASP A 331 -13.79 10.28 -35.61
C ASP A 331 -14.96 9.30 -35.44
N ASP A 332 -15.10 8.35 -36.37
CA ASP A 332 -16.22 7.37 -36.43
C ASP A 332 -16.23 6.51 -35.16
N GLU A 333 -15.10 5.85 -34.85
CA GLU A 333 -14.90 4.97 -33.67
C GLU A 333 -15.44 5.66 -32.42
N VAL A 334 -15.17 6.97 -32.25
CA VAL A 334 -15.59 7.78 -31.05
C VAL A 334 -17.12 7.88 -31.03
N ARG A 335 -17.74 8.16 -32.18
CA ARG A 335 -19.21 8.30 -32.33
C ARG A 335 -19.88 7.01 -31.82
N ILE A 336 -19.44 5.87 -32.38
CA ILE A 336 -19.98 4.51 -32.08
C ILE A 336 -19.83 4.22 -30.58
N LEU A 337 -18.61 4.36 -30.04
CA LEU A 337 -18.26 4.02 -28.63
C LEU A 337 -19.10 4.85 -27.66
N LEU A 338 -19.35 6.12 -27.97
CA LEU A 338 -20.19 7.04 -27.16
C LEU A 338 -21.64 6.54 -27.17
N ALA A 339 -22.16 6.19 -28.35
CA ALA A 339 -23.53 5.65 -28.57
C ALA A 339 -23.75 4.40 -27.70
N ASN A 340 -22.79 3.46 -27.70
CA ASN A 340 -22.79 2.25 -26.85
C ASN A 340 -23.04 2.64 -25.39
N GLY A 341 -22.24 3.58 -24.87
CA GLY A 341 -22.29 4.04 -23.47
C GLY A 341 -20.92 4.08 -22.82
N ALA A 342 -19.84 4.15 -23.61
CA ALA A 342 -18.45 4.34 -23.14
C ALA A 342 -18.37 5.64 -22.31
N ASP A 343 -17.70 5.56 -21.16
CA ASP A 343 -17.48 6.70 -20.21
C ASP A 343 -16.70 7.80 -20.94
N VAL A 344 -17.36 8.94 -21.19
CA VAL A 344 -16.77 10.12 -21.91
C VAL A 344 -15.71 10.78 -21.03
N ASN A 345 -15.84 10.67 -19.69
CA ASN A 345 -14.96 11.32 -18.68
C ASN A 345 -14.01 10.28 -18.05
N THR A 346 -13.76 9.15 -18.71
CA THR A 346 -12.68 8.19 -18.36
C THR A 346 -11.33 8.92 -18.45
N ALA A 347 -10.26 8.37 -17.86
CA ALA A 347 -8.90 8.97 -17.88
C ALA A 347 -7.83 7.87 -17.93
N ASP A 348 -6.66 8.17 -18.51
CA ASP A 348 -5.48 7.27 -18.60
C ASP A 348 -4.58 7.47 -17.36
N GLU A 349 -3.45 6.76 -17.32
CA GLU A 349 -2.44 6.75 -16.22
C GLU A 349 -2.00 8.17 -15.83
N THR A 350 -1.94 9.10 -16.78
CA THR A 350 -1.50 10.51 -16.58
C THR A 350 -2.66 11.33 -16.00
N GLY A 351 -3.90 10.86 -16.14
CA GLY A 351 -5.13 11.59 -15.76
C GLY A 351 -5.78 12.30 -16.95
N PHE A 352 -5.31 12.06 -18.17
CA PHE A 352 -5.85 12.64 -19.42
C PHE A 352 -7.17 11.94 -19.78
N THR A 353 -8.26 12.71 -19.89
CA THR A 353 -9.57 12.28 -20.45
C THR A 353 -9.47 12.25 -21.97
N PRO A 354 -10.45 11.65 -22.69
CA PRO A 354 -10.43 11.68 -24.16
C PRO A 354 -10.33 13.13 -24.70
N LEU A 355 -10.98 14.08 -24.03
CA LEU A 355 -10.95 15.52 -24.38
C LEU A 355 -9.49 16.03 -24.30
N HIS A 356 -8.77 15.71 -23.23
CA HIS A 356 -7.32 16.04 -23.07
C HIS A 356 -6.56 15.56 -24.31
N LEU A 357 -6.72 14.27 -24.65
CA LEU A 357 -5.98 13.61 -25.77
C LEU A 357 -6.40 14.21 -27.12
N ALA A 358 -7.66 14.62 -27.28
CA ALA A 358 -8.21 15.24 -28.50
C ALA A 358 -7.58 16.64 -28.70
N ALA A 359 -7.62 17.47 -27.65
CA ALA A 359 -7.09 18.86 -27.62
C ALA A 359 -5.58 18.85 -27.88
N TRP A 360 -4.88 17.85 -27.35
CA TRP A 360 -3.40 17.64 -27.45
C TRP A 360 -2.98 17.32 -28.89
N GLU A 361 -3.79 16.54 -29.63
CA GLU A 361 -3.39 15.96 -30.95
C GLU A 361 -3.95 16.79 -32.12
N GLY A 362 -4.75 17.83 -31.83
CA GLY A 362 -5.55 18.56 -32.82
C GLY A 362 -7.00 18.10 -32.76
N HIS A 363 -7.48 17.42 -33.80
CA HIS A 363 -8.74 16.63 -33.79
C HIS A 363 -9.90 17.51 -33.30
N LEU A 364 -10.10 18.67 -33.95
CA LEU A 364 -11.20 19.64 -33.69
C LEU A 364 -12.55 18.91 -33.66
N GLY A 365 -12.81 18.07 -34.67
CA GLY A 365 -14.04 17.26 -34.78
C GLY A 365 -14.30 16.47 -33.51
N ILE A 366 -13.40 15.55 -33.18
CA ILE A 366 -13.47 14.65 -31.99
C ILE A 366 -13.71 15.48 -30.72
N VAL A 367 -13.09 16.65 -30.61
CA VAL A 367 -13.26 17.59 -29.45
C VAL A 367 -14.74 18.03 -29.40
N GLU A 368 -15.28 18.45 -30.55
CA GLU A 368 -16.69 18.94 -30.70
C GLU A 368 -17.64 17.80 -30.35
N VAL A 369 -17.43 16.60 -30.93
CA VAL A 369 -18.24 15.38 -30.68
C VAL A 369 -18.26 15.04 -29.19
N LEU A 370 -17.09 15.11 -28.51
CA LEU A 370 -16.92 14.74 -27.06
C LEU A 370 -17.65 15.72 -26.15
N LEU A 371 -17.51 17.03 -26.42
CA LEU A 371 -18.15 18.13 -25.63
C LEU A 371 -19.67 17.97 -25.72
N LYS A 372 -20.19 17.80 -26.94
CA LYS A 372 -21.62 17.59 -27.28
C LYS A 372 -22.24 16.49 -26.40
N ASN A 373 -21.51 15.39 -26.16
CA ASN A 373 -21.99 14.22 -25.37
C ASN A 373 -21.92 14.50 -23.86
N GLY A 374 -21.28 15.59 -23.44
CA GLY A 374 -21.23 16.04 -22.03
C GLY A 374 -19.91 15.72 -21.36
N ALA A 375 -18.80 15.85 -22.09
CA ALA A 375 -17.42 15.73 -21.56
C ALA A 375 -17.15 16.90 -20.62
N ASP A 376 -16.53 16.63 -19.46
CA ASP A 376 -16.06 17.67 -18.50
C ASP A 376 -14.96 18.50 -19.17
N VAL A 377 -15.28 19.76 -19.51
CA VAL A 377 -14.38 20.70 -20.25
C VAL A 377 -13.20 21.12 -19.34
N ASN A 378 -13.41 21.13 -18.03
CA ASN A 378 -12.42 21.59 -17.01
C ASN A 378 -11.85 20.39 -16.24
N ALA A 379 -11.68 19.23 -16.91
CA ALA A 379 -11.08 18.02 -16.32
C ALA A 379 -9.60 18.29 -16.06
N ASN A 380 -9.10 17.90 -14.88
CA ASN A 380 -7.68 18.07 -14.48
C ASN A 380 -6.96 16.72 -14.59
N ASP A 381 -5.80 16.67 -15.24
CA ASP A 381 -4.83 15.55 -15.09
C ASP A 381 -4.19 15.67 -13.70
N GLU A 382 -3.21 14.82 -13.39
CA GLU A 382 -2.65 14.65 -12.03
C GLU A 382 -1.80 15.87 -11.64
N ARG A 383 -1.44 16.72 -12.60
CA ARG A 383 -0.68 17.98 -12.33
C ARG A 383 -1.60 19.20 -12.40
N GLY A 384 -2.89 19.02 -12.73
CA GLY A 384 -3.90 20.10 -12.77
C GLY A 384 -4.06 20.75 -14.15
N HIS A 385 -3.49 20.16 -15.20
CA HIS A 385 -3.64 20.63 -16.60
C HIS A 385 -5.07 20.33 -17.08
N THR A 386 -5.80 21.37 -17.48
CA THR A 386 -7.11 21.29 -18.19
C THR A 386 -6.85 21.06 -19.67
N PRO A 387 -7.86 20.64 -20.46
CA PRO A 387 -7.72 20.60 -21.91
C PRO A 387 -7.22 21.94 -22.51
N LEU A 388 -7.62 23.06 -21.90
CA LEU A 388 -7.23 24.42 -22.38
C LEU A 388 -5.72 24.63 -22.25
N HIS A 389 -5.10 24.15 -21.15
CA HIS A 389 -3.63 24.12 -20.96
C HIS A 389 -2.97 23.42 -22.16
N LEU A 390 -3.42 22.20 -22.48
CA LEU A 390 -2.83 21.32 -23.53
C LEU A 390 -2.95 22.00 -24.91
N ALA A 391 -4.09 22.63 -25.20
CA ALA A 391 -4.40 23.30 -26.49
C ALA A 391 -3.48 24.52 -26.69
N ALA A 392 -3.27 25.29 -25.61
CA ALA A 392 -2.40 26.48 -25.56
C ALA A 392 -0.94 26.07 -25.78
N TYR A 393 -0.53 24.92 -25.21
CA TYR A 393 0.86 24.40 -25.25
C TYR A 393 1.25 23.95 -26.67
N THR A 394 0.37 23.20 -27.34
CA THR A 394 0.64 22.58 -28.67
C THR A 394 0.52 23.64 -29.77
N GLY A 395 -0.55 24.45 -29.73
CA GLY A 395 -0.72 25.61 -30.61
C GLY A 395 -1.87 25.45 -31.58
N HIS A 396 -3.05 25.05 -31.07
CA HIS A 396 -4.29 24.83 -31.87
C HIS A 396 -5.34 25.88 -31.47
N LEU A 397 -5.46 26.94 -32.29
CA LEU A 397 -6.35 28.11 -32.06
C LEU A 397 -7.82 27.66 -32.00
N GLU A 398 -8.29 26.96 -33.04
CA GLU A 398 -9.72 26.55 -33.20
C GLU A 398 -10.19 25.78 -31.95
N ILE A 399 -9.37 24.89 -31.41
CA ILE A 399 -9.71 24.07 -30.20
C ILE A 399 -9.87 24.98 -28.97
N VAL A 400 -9.01 26.00 -28.85
CA VAL A 400 -9.03 27.02 -27.75
C VAL A 400 -10.37 27.76 -27.80
N GLU A 401 -10.78 28.22 -29.00
CA GLU A 401 -12.06 28.94 -29.23
C GLU A 401 -13.22 28.01 -28.85
N VAL A 402 -13.23 26.79 -29.40
CA VAL A 402 -14.25 25.73 -29.14
C VAL A 402 -14.35 25.46 -27.63
N LEU A 403 -13.21 25.31 -26.95
CA LEU A 403 -13.12 25.01 -25.49
C LEU A 403 -13.67 26.20 -24.68
N LEU A 404 -13.18 27.42 -24.99
CA LEU A 404 -13.57 28.69 -24.32
C LEU A 404 -15.10 28.85 -24.44
N LYS A 405 -15.63 28.68 -25.65
CA LYS A 405 -17.08 28.67 -25.99
C LYS A 405 -17.84 27.76 -25.03
N ASN A 406 -17.38 26.53 -24.81
CA ASN A 406 -18.08 25.49 -24.01
C ASN A 406 -17.90 25.74 -22.50
N GLY A 407 -17.07 26.72 -22.12
CA GLY A 407 -16.99 27.21 -20.73
C GLY A 407 -15.71 26.77 -20.02
N ALA A 408 -14.57 26.85 -20.71
CA ALA A 408 -13.22 26.52 -20.20
C ALA A 408 -12.69 27.68 -19.34
N GLY A 409 -12.15 27.38 -18.15
CA GLY A 409 -11.53 28.36 -17.23
C GLY A 409 -10.25 28.94 -17.80
N VAL A 410 -10.27 30.22 -18.20
CA VAL A 410 -9.14 30.92 -18.89
C VAL A 410 -7.99 31.13 -17.90
N ASN A 411 -8.28 31.16 -16.59
CA ASN A 411 -7.31 31.45 -15.49
C ASN A 411 -7.15 30.22 -14.61
N ALA A 412 -7.33 29.02 -15.17
CA ALA A 412 -7.12 27.73 -14.44
C ALA A 412 -5.61 27.51 -14.32
N THR A 413 -5.12 27.14 -13.13
CA THR A 413 -3.67 27.02 -12.84
C THR A 413 -3.35 25.57 -12.45
N ASP A 414 -2.19 25.08 -12.89
CA ASP A 414 -1.64 23.75 -12.51
C ASP A 414 -0.98 23.86 -11.12
N VAL A 415 -0.31 22.81 -10.67
CA VAL A 415 0.33 22.72 -9.32
C VAL A 415 1.43 23.77 -9.14
N ILE A 416 2.06 24.21 -10.25
CA ILE A 416 3.17 25.21 -10.28
C ILE A 416 2.57 26.63 -10.38
N GLY A 417 1.25 26.73 -10.65
CA GLY A 417 0.54 28.01 -10.86
C GLY A 417 0.60 28.49 -12.29
N THR A 418 0.98 27.61 -13.23
CA THR A 418 0.99 27.87 -14.70
C THR A 418 -0.45 27.96 -15.21
N ALA A 419 -0.82 29.09 -15.80
CA ALA A 419 -2.11 29.32 -16.48
C ALA A 419 -1.92 29.11 -17.98
N PRO A 420 -3.02 28.96 -18.76
CA PRO A 420 -2.90 28.86 -20.22
C PRO A 420 -2.11 30.01 -20.87
N LEU A 421 -2.25 31.24 -20.36
CA LEU A 421 -1.55 32.44 -20.91
C LEU A 421 -0.03 32.24 -20.81
N HIS A 422 0.47 31.63 -19.73
CA HIS A 422 1.90 31.28 -19.53
C HIS A 422 2.37 30.36 -20.67
N LEU A 423 1.58 29.33 -20.99
CA LEU A 423 1.94 28.27 -21.97
C LEU A 423 1.92 28.84 -23.39
N ALA A 424 0.89 29.64 -23.74
CA ALA A 424 0.75 30.31 -25.06
C ALA A 424 1.98 31.18 -25.35
N ALA A 425 2.39 31.99 -24.36
CA ALA A 425 3.50 32.96 -24.44
C ALA A 425 4.85 32.22 -24.49
N MET A 426 5.00 31.14 -23.73
CA MET A 426 6.25 30.36 -23.59
C MET A 426 6.63 29.69 -24.92
N TRP A 427 5.66 29.22 -25.71
CA TRP A 427 5.88 28.35 -26.90
C TRP A 427 5.55 29.09 -28.21
N GLY A 428 5.59 30.42 -28.21
CA GLY A 428 5.56 31.26 -29.42
C GLY A 428 4.23 31.19 -30.17
N HIS A 429 3.10 31.16 -29.44
CA HIS A 429 1.72 31.11 -30.02
C HIS A 429 1.03 32.46 -29.89
N LEU A 430 1.43 33.43 -30.73
CA LEU A 430 0.91 34.83 -30.74
C LEU A 430 -0.62 34.81 -30.84
N GLU A 431 -1.16 34.14 -31.86
CA GLU A 431 -2.62 34.05 -32.15
C GLU A 431 -3.36 33.65 -30.87
N ILE A 432 -2.86 32.64 -30.14
CA ILE A 432 -3.49 32.09 -28.91
C ILE A 432 -3.38 33.09 -27.75
N VAL A 433 -2.24 33.78 -27.61
CA VAL A 433 -2.04 34.86 -26.59
C VAL A 433 -3.17 35.89 -26.73
N GLU A 434 -3.43 36.34 -27.98
CA GLU A 434 -4.50 37.29 -28.36
C GLU A 434 -5.87 36.79 -27.85
N VAL A 435 -6.25 35.56 -28.20
CA VAL A 435 -7.61 35.01 -27.93
C VAL A 435 -7.81 34.81 -26.41
N LEU A 436 -6.76 34.38 -25.69
CA LEU A 436 -6.81 34.14 -24.22
C LEU A 436 -7.03 35.48 -23.49
N LEU A 437 -6.25 36.51 -23.86
CA LEU A 437 -6.37 37.88 -23.30
C LEU A 437 -7.82 38.37 -23.44
N LYS A 438 -8.35 38.30 -24.68
CA LYS A 438 -9.76 38.66 -25.04
C LYS A 438 -10.79 38.01 -24.10
N ASN A 439 -10.52 36.82 -23.56
CA ASN A 439 -11.50 36.03 -22.77
C ASN A 439 -11.23 36.17 -21.26
N GLY A 440 -10.39 37.13 -20.86
CA GLY A 440 -10.21 37.52 -19.44
C GLY A 440 -9.06 36.79 -18.77
N ALA A 441 -7.94 36.63 -19.49
CA ALA A 441 -6.66 36.07 -18.99
C ALA A 441 -5.85 37.18 -18.31
N ASP A 442 -5.58 37.02 -17.01
CA ASP A 442 -4.80 37.98 -16.16
C ASP A 442 -3.39 38.13 -16.74
N VAL A 443 -3.05 39.31 -17.27
CA VAL A 443 -1.78 39.56 -18.03
C VAL A 443 -0.57 39.41 -17.11
N ASN A 444 -0.78 39.43 -15.78
CA ASN A 444 0.29 39.43 -14.73
C ASN A 444 0.01 38.34 -13.70
N ALA A 445 -0.54 37.21 -14.13
CA ALA A 445 -0.64 35.98 -13.32
C ALA A 445 0.79 35.47 -13.10
N GLN A 446 1.14 35.11 -11.86
CA GLN A 446 2.50 34.66 -11.48
C GLN A 446 2.44 33.19 -11.10
N ASP A 447 3.41 32.39 -11.55
CA ASP A 447 3.60 30.99 -11.10
C ASP A 447 4.29 31.01 -9.73
N LYS A 448 4.54 29.82 -9.16
CA LYS A 448 5.24 29.61 -7.87
C LYS A 448 6.50 30.47 -7.76
N PHE A 449 7.13 30.81 -8.89
CA PHE A 449 8.48 31.42 -8.99
C PHE A 449 8.41 32.88 -9.45
N GLY A 450 7.19 33.44 -9.56
CA GLY A 450 6.95 34.87 -9.83
C GLY A 450 6.96 35.19 -11.31
N LYS A 451 7.03 34.18 -12.19
CA LYS A 451 7.09 34.38 -13.67
C LYS A 451 5.69 34.72 -14.19
N THR A 452 5.58 35.84 -14.90
CA THR A 452 4.37 36.27 -15.66
C THR A 452 4.47 35.72 -17.08
N PRO A 453 3.35 35.65 -17.83
CA PRO A 453 3.40 35.34 -19.27
C PRO A 453 4.44 36.17 -20.03
N PHE A 454 4.53 37.47 -19.71
CA PHE A 454 5.50 38.43 -20.29
C PHE A 454 6.94 37.96 -20.02
N ASP A 455 7.24 37.56 -18.78
CA ASP A 455 8.58 37.08 -18.35
C ASP A 455 8.99 35.86 -19.18
N LEU A 456 8.05 34.93 -19.40
CA LEU A 456 8.27 33.66 -20.14
C LEU A 456 8.47 33.94 -21.63
N ALA A 457 7.71 34.89 -22.20
CA ALA A 457 7.85 35.38 -23.59
C ALA A 457 9.29 35.82 -23.86
N ILE A 458 9.84 36.68 -23.00
CA ILE A 458 11.24 37.19 -23.10
C ILE A 458 12.24 36.05 -22.89
N ASP A 459 12.00 35.17 -21.92
CA ASP A 459 12.90 34.04 -21.57
C ASP A 459 13.23 33.21 -22.81
N ASN A 460 12.24 32.96 -23.69
CA ASN A 460 12.34 32.02 -24.83
C ASN A 460 12.48 32.79 -26.15
N GLY A 461 13.04 34.00 -26.09
CA GLY A 461 13.33 34.87 -27.25
C GLY A 461 12.13 35.03 -28.17
N ASN A 462 10.94 35.31 -27.59
CA ASN A 462 9.67 35.52 -28.33
C ASN A 462 9.28 37.00 -28.25
N GLU A 463 10.09 37.87 -28.89
CA GLU A 463 10.08 39.35 -28.75
C GLU A 463 8.75 39.94 -29.23
N ASP A 464 8.13 39.34 -30.25
CA ASP A 464 6.84 39.81 -30.83
C ASP A 464 5.74 39.64 -29.77
N ILE A 465 5.74 38.52 -29.04
CA ILE A 465 4.68 38.16 -28.05
C ILE A 465 4.88 38.96 -26.75
N ALA A 466 6.13 39.22 -26.36
CA ALA A 466 6.48 40.11 -25.24
C ALA A 466 5.86 41.49 -25.49
N GLU A 467 5.95 41.97 -26.73
CA GLU A 467 5.39 43.27 -27.19
C GLU A 467 3.87 43.30 -26.94
N VAL A 468 3.12 42.32 -27.45
CA VAL A 468 1.62 42.30 -27.37
C VAL A 468 1.22 42.25 -25.89
N LEU A 469 1.97 41.50 -25.07
CA LEU A 469 1.76 41.35 -23.60
C LEU A 469 2.10 42.66 -22.89
N GLN A 470 3.21 43.33 -23.25
CA GLN A 470 3.53 44.70 -22.77
C GLN A 470 2.30 45.58 -23.00
N LYS A 471 1.76 45.58 -24.24
CA LYS A 471 0.54 46.32 -24.68
C LYS A 471 -0.66 45.93 -23.81
N ALA A 472 -0.85 44.64 -23.54
CA ALA A 472 -1.92 44.10 -22.67
C ALA A 472 -1.73 44.62 -21.23
N ALA A 473 -0.48 44.74 -20.78
CA ALA A 473 -0.11 45.20 -19.41
C ALA A 473 -0.39 46.71 -19.27
N THR A 474 0.11 47.54 -20.19
CA THR A 474 -0.09 49.01 -20.19
C THR A 474 -1.60 49.32 -20.33
N ARG A 475 -2.34 48.47 -21.06
CA ARG A 475 -3.81 48.59 -21.28
C ARG A 475 -4.53 48.54 -19.92
N GLU A 476 -4.14 47.60 -19.05
CA GLU A 476 -4.65 47.48 -17.66
C GLU A 476 -4.39 48.79 -16.92
N LEU A 477 -3.17 49.35 -17.06
CA LEU A 477 -2.68 50.55 -16.32
C LEU A 477 -3.56 51.78 -16.62
N GLU A 478 -4.06 51.90 -17.86
CA GLU A 478 -4.90 53.05 -18.31
C GLU A 478 -6.27 53.01 -17.65
N VAL A 479 -6.78 51.82 -17.31
CA VAL A 479 -8.06 51.58 -16.56
C VAL A 479 -8.26 52.67 -15.50
N LEU A 480 -7.41 52.70 -14.46
CA LEU A 480 -7.36 53.75 -13.41
C LEU A 480 -7.11 55.12 -14.07
N GLY B 5 20.65 -26.23 43.00
CA GLY B 5 19.43 -26.85 43.60
C GLY B 5 18.17 -26.02 43.34
N PRO B 6 17.95 -24.92 44.12
CA PRO B 6 16.62 -24.31 44.23
C PRO B 6 16.15 -23.60 42.95
N ASN B 7 17.07 -22.94 42.24
CA ASN B 7 16.80 -22.17 40.99
C ASN B 7 17.88 -22.46 39.93
N SER B 8 18.57 -23.61 40.04
CA SER B 8 19.65 -24.05 39.10
C SER B 8 19.13 -24.04 37.66
N ASP B 9 17.92 -24.57 37.45
CA ASP B 9 17.25 -24.74 36.14
C ASP B 9 17.15 -23.40 35.42
N LEU B 10 16.97 -22.31 36.17
CA LEU B 10 16.70 -20.96 35.60
C LEU B 10 18.00 -20.26 35.21
N ASP B 11 19.17 -20.86 35.48
CA ASP B 11 20.49 -20.28 35.13
C ASP B 11 20.67 -20.35 33.61
N VAL B 12 21.26 -19.30 33.01
CA VAL B 12 21.26 -19.09 31.54
C VAL B 12 22.60 -19.54 30.93
N ASN B 13 23.72 -19.22 31.58
CA ASN B 13 25.06 -19.77 31.19
C ASN B 13 25.52 -19.17 29.86
N THR B 14 25.49 -17.84 29.75
CA THR B 14 26.26 -17.06 28.76
C THR B 14 27.54 -16.60 29.45
N ASP B 15 28.70 -16.72 28.80
CA ASP B 15 30.03 -16.39 29.37
C ASP B 15 30.07 -14.90 29.73
N ILE B 16 31.02 -14.50 30.58
CA ILE B 16 31.19 -13.10 31.08
C ILE B 16 31.58 -12.19 29.91
N TYR B 17 32.39 -12.68 28.97
CA TYR B 17 32.89 -11.91 27.80
C TYR B 17 31.70 -11.43 26.94
N SER B 18 30.77 -12.35 26.63
CA SER B 18 29.47 -12.07 25.95
C SER B 18 28.77 -10.90 26.62
N LYS B 19 28.56 -10.98 27.94
CA LYS B 19 27.77 -10.01 28.72
C LYS B 19 28.44 -8.63 28.64
N VAL B 20 29.76 -8.57 28.72
CA VAL B 20 30.54 -7.30 28.72
C VAL B 20 30.48 -6.69 27.31
N LEU B 21 30.68 -7.50 26.26
CA LEU B 21 30.64 -7.06 24.84
C LEU B 21 29.24 -6.51 24.50
N VAL B 22 28.20 -7.28 24.83
CA VAL B 22 26.77 -6.89 24.61
C VAL B 22 26.47 -5.61 25.40
N THR B 23 26.98 -5.48 26.63
CA THR B 23 26.81 -4.26 27.46
C THR B 23 27.43 -3.06 26.75
N ALA B 24 28.60 -3.24 26.13
CA ALA B 24 29.31 -2.19 25.37
C ALA B 24 28.47 -1.74 24.16
N ILE B 25 27.96 -2.70 23.37
CA ILE B 25 27.11 -2.45 22.18
C ILE B 25 25.84 -1.69 22.63
N TYR B 26 25.16 -2.21 23.65
CA TYR B 26 23.91 -1.64 24.22
C TYR B 26 24.13 -0.18 24.66
N LEU B 27 25.21 0.08 25.39
CA LEU B 27 25.53 1.44 25.92
C LEU B 27 25.93 2.36 24.75
N ALA B 28 26.66 1.84 23.76
CA ALA B 28 27.03 2.59 22.53
C ALA B 28 25.75 2.99 21.78
N LEU B 29 24.84 2.05 21.56
CA LEU B 29 23.55 2.28 20.88
C LEU B 29 22.65 3.20 21.74
N PHE B 30 22.77 3.15 23.07
CA PHE B 30 22.01 4.04 23.99
C PHE B 30 22.39 5.51 23.73
N VAL B 31 23.69 5.83 23.66
CA VAL B 31 24.16 7.24 23.51
C VAL B 31 23.92 7.68 22.07
N VAL B 32 24.31 6.89 21.07
CA VAL B 32 24.12 7.23 19.63
C VAL B 32 22.62 7.42 19.39
N GLY B 33 21.80 6.49 19.89
CA GLY B 33 20.34 6.50 19.68
C GLY B 33 19.65 7.67 20.37
N THR B 34 20.03 7.96 21.61
CA THR B 34 19.41 9.01 22.46
C THR B 34 19.80 10.40 21.91
N VAL B 35 21.08 10.60 21.57
CA VAL B 35 21.58 11.88 20.99
C VAL B 35 20.93 12.09 19.60
N GLY B 36 21.02 11.10 18.72
CA GLY B 36 20.46 11.18 17.36
C GLY B 36 18.97 11.52 17.39
N ASN B 37 18.19 10.75 18.15
CA ASN B 37 16.71 10.85 18.21
C ASN B 37 16.32 12.09 19.03
N GLY B 38 17.10 12.41 20.07
CA GLY B 38 16.86 13.58 20.93
C GLY B 38 17.01 14.87 20.13
N VAL B 39 18.13 15.02 19.42
CA VAL B 39 18.41 16.18 18.53
C VAL B 39 17.29 16.28 17.48
N THR B 40 16.90 15.15 16.88
CA THR B 40 15.80 15.09 15.87
C THR B 40 14.52 15.67 16.47
N LEU B 41 14.06 15.13 17.59
CA LEU B 41 12.81 15.57 18.29
C LEU B 41 12.88 17.07 18.58
N PHE B 42 13.98 17.52 19.18
CA PHE B 42 14.18 18.93 19.62
C PHE B 42 14.06 19.84 18.39
N THR B 43 14.91 19.65 17.39
CA THR B 43 14.92 20.43 16.11
C THR B 43 13.51 20.49 15.52
N LEU B 44 12.91 19.34 15.22
CA LEU B 44 11.62 19.24 14.49
C LEU B 44 10.52 20.02 15.25
N ALA B 45 10.55 19.99 16.57
CA ALA B 45 9.55 20.64 17.46
C ALA B 45 9.62 22.17 17.30
N ARG B 46 10.84 22.72 17.18
CA ARG B 46 11.12 24.18 17.11
C ARG B 46 11.01 24.69 15.66
N LYS B 47 10.66 23.81 14.72
CA LYS B 47 10.74 24.07 13.26
C LYS B 47 9.37 24.49 12.74
N LYS B 48 9.33 25.51 11.88
CA LYS B 48 8.11 25.96 11.17
C LYS B 48 8.42 26.00 9.66
N SER B 49 7.73 25.17 8.88
CA SER B 49 7.93 25.00 7.42
C SER B 49 6.80 25.69 6.65
N LEU B 50 7.15 26.47 5.62
CA LEU B 50 6.17 27.15 4.72
C LEU B 50 5.37 26.09 3.96
N GLN B 51 6.03 25.02 3.50
CA GLN B 51 5.42 23.97 2.63
C GLN B 51 4.79 22.87 3.47
N SER B 52 3.47 22.65 3.29
CA SER B 52 2.63 21.62 3.95
C SER B 52 3.35 20.26 3.99
N LEU B 53 3.89 19.80 2.86
CA LEU B 53 4.49 18.44 2.74
C LEU B 53 5.70 18.33 3.66
N GLN B 54 6.51 19.38 3.76
CA GLN B 54 7.71 19.40 4.66
C GLN B 54 7.24 19.25 6.11
N SER B 55 6.24 20.04 6.53
CA SER B 55 5.62 19.96 7.88
C SER B 55 5.17 18.53 8.15
N ARG B 56 4.36 17.98 7.25
CA ARG B 56 3.71 16.65 7.40
C ARG B 56 4.78 15.58 7.54
N VAL B 57 5.79 15.58 6.67
CA VAL B 57 6.92 14.61 6.73
C VAL B 57 7.57 14.71 8.12
N ASP B 58 7.86 15.92 8.58
CA ASP B 58 8.52 16.16 9.89
C ASP B 58 7.67 15.59 11.05
N TYR B 59 6.34 15.64 10.96
CA TYR B 59 5.45 15.09 12.02
C TYR B 59 5.70 13.59 12.16
N TYR B 60 5.77 12.88 11.03
CA TYR B 60 6.06 11.42 10.97
C TYR B 60 7.47 11.13 11.53
N LEU B 61 8.48 11.89 11.13
CA LEU B 61 9.88 11.71 11.60
C LEU B 61 9.94 11.93 13.12
N GLY B 62 9.13 12.86 13.64
CA GLY B 62 9.00 13.14 15.08
C GLY B 62 8.38 11.98 15.84
N SER B 63 7.37 11.33 15.27
CA SER B 63 6.76 10.08 15.81
C SER B 63 7.83 8.99 15.90
N LEU B 64 8.55 8.75 14.80
CA LEU B 64 9.58 7.70 14.72
C LEU B 64 10.62 7.97 15.81
N ALA B 65 11.01 9.22 15.99
CA ALA B 65 12.02 9.65 17.00
C ALA B 65 11.49 9.34 18.41
N LEU B 66 10.23 9.68 18.69
CA LEU B 66 9.60 9.44 20.01
C LEU B 66 9.59 7.94 20.33
N SER B 67 9.12 7.10 19.41
CA SER B 67 9.06 5.63 19.58
C SER B 67 10.47 5.11 19.91
N ASP B 68 11.49 5.64 19.24
CA ASP B 68 12.89 5.17 19.39
C ASP B 68 13.40 5.53 20.79
N LEU B 69 13.11 6.75 21.25
CA LEU B 69 13.54 7.23 22.60
C LEU B 69 12.88 6.40 23.69
N LEU B 70 11.60 6.09 23.54
CA LEU B 70 10.86 5.27 24.54
C LEU B 70 11.58 3.93 24.71
N ILE B 71 12.00 3.30 23.61
CA ILE B 71 12.67 1.97 23.64
C ILE B 71 14.06 2.12 24.28
N LEU B 72 14.80 3.16 23.92
CA LEU B 72 16.20 3.35 24.38
C LEU B 72 16.23 3.77 25.85
N LEU B 73 15.31 4.62 26.30
CA LEU B 73 15.29 5.17 27.69
C LEU B 73 14.69 4.17 28.70
N PHE B 74 13.65 3.42 28.32
CA PHE B 74 12.84 2.61 29.26
C PHE B 74 13.07 1.11 29.03
N ALA B 75 13.04 0.62 27.80
CA ALA B 75 13.16 -0.83 27.49
C ALA B 75 14.62 -1.30 27.65
N LEU B 76 15.59 -0.53 27.15
CA LEU B 76 17.01 -0.97 27.06
C LEU B 76 17.58 -1.22 28.46
N PRO B 77 17.47 -0.28 29.43
CA PRO B 77 18.06 -0.48 30.76
C PRO B 77 17.47 -1.69 31.49
N VAL B 78 16.15 -1.87 31.41
CA VAL B 78 15.42 -3.03 32.02
C VAL B 78 15.95 -4.32 31.38
N ASP B 79 16.08 -4.34 30.06
CA ASP B 79 16.57 -5.50 29.28
C ASP B 79 18.01 -5.83 29.71
N LEU B 80 18.87 -4.83 29.74
CA LEU B 80 20.30 -4.95 30.12
C LEU B 80 20.41 -5.60 31.51
N TYR B 81 19.62 -5.15 32.49
CA TYR B 81 19.72 -5.66 33.88
C TYR B 81 19.13 -7.08 34.00
N ASN B 82 17.87 -7.26 33.58
CA ASN B 82 17.07 -8.47 33.96
C ASN B 82 17.09 -9.57 32.89
N PHE B 83 17.58 -9.31 31.66
CA PHE B 83 17.63 -10.34 30.59
C PHE B 83 19.07 -10.62 30.12
N ILE B 84 20.02 -9.70 30.30
CA ILE B 84 21.44 -9.90 29.91
C ILE B 84 22.24 -10.41 31.12
N TRP B 85 22.10 -9.75 32.28
CA TRP B 85 22.97 -9.98 33.48
C TRP B 85 22.27 -10.90 34.48
N VAL B 86 21.20 -10.42 35.11
CA VAL B 86 20.47 -11.13 36.20
C VAL B 86 19.16 -11.69 35.63
N HIS B 87 19.21 -12.94 35.20
CA HIS B 87 18.09 -13.66 34.52
C HIS B 87 16.96 -13.93 35.53
N HIS B 88 17.28 -14.16 36.79
CA HIS B 88 16.29 -14.35 37.89
C HIS B 88 16.87 -13.85 39.21
N PRO B 89 16.04 -13.30 40.13
CA PRO B 89 14.62 -13.07 39.86
C PRO B 89 14.37 -11.77 39.09
N TRP B 90 13.15 -11.61 38.56
CA TRP B 90 12.63 -10.35 37.98
C TRP B 90 12.47 -9.33 39.11
N ALA B 91 12.96 -8.10 38.91
CA ALA B 91 13.07 -7.05 39.94
C ALA B 91 11.90 -6.07 39.90
N PHE B 92 11.15 -5.96 38.80
CA PHE B 92 10.32 -4.76 38.48
C PHE B 92 8.82 -5.00 38.69
N GLY B 93 8.45 -6.14 39.28
CA GLY B 93 7.05 -6.46 39.65
C GLY B 93 6.20 -6.86 38.45
N ASP B 94 4.91 -7.03 38.69
CA ASP B 94 3.93 -7.56 37.73
C ASP B 94 3.63 -6.48 36.68
N ALA B 95 3.35 -5.26 37.12
CA ALA B 95 3.04 -4.11 36.23
C ALA B 95 4.25 -3.78 35.35
N GLY B 96 5.47 -3.89 35.90
CA GLY B 96 6.72 -3.68 35.15
C GLY B 96 6.91 -4.73 34.06
N CYS B 97 6.59 -5.99 34.36
CA CYS B 97 6.65 -7.15 33.43
C CYS B 97 5.68 -6.89 32.26
N LYS B 98 4.43 -6.56 32.56
CA LYS B 98 3.39 -6.30 31.55
C LYS B 98 3.69 -5.01 30.79
N GLY B 99 4.13 -3.96 31.50
CA GLY B 99 4.42 -2.64 30.94
C GLY B 99 5.57 -2.71 29.95
N TYR B 100 6.64 -3.41 30.33
CA TYR B 100 7.84 -3.62 29.50
C TYR B 100 7.44 -4.24 28.15
N TYR B 101 6.70 -5.35 28.18
CA TYR B 101 6.33 -6.11 26.96
C TYR B 101 5.27 -5.33 26.18
N PHE B 102 4.39 -4.59 26.86
CA PHE B 102 3.35 -3.75 26.20
C PHE B 102 4.05 -2.63 25.41
N LEU B 103 4.98 -1.94 26.05
CA LEU B 103 5.68 -0.76 25.47
C LEU B 103 6.41 -1.19 24.19
N ARG B 104 7.19 -2.28 24.26
CA ARG B 104 8.00 -2.78 23.13
C ARG B 104 7.09 -3.14 21.95
N GLU B 105 6.03 -3.90 22.19
CA GLU B 105 5.03 -4.29 21.15
C GLU B 105 4.43 -3.03 20.51
N ALA B 106 3.94 -2.09 21.31
CA ALA B 106 3.22 -0.88 20.84
C ALA B 106 4.16 -0.02 19.98
N CYS B 107 5.44 -0.01 20.32
CA CYS B 107 6.46 0.82 19.61
C CYS B 107 6.75 0.24 18.23
N THR B 108 6.74 -1.09 18.07
CA THR B 108 6.92 -1.75 16.75
C THR B 108 5.76 -1.39 15.83
N TYR B 109 4.51 -1.44 16.32
CA TYR B 109 3.32 -1.08 15.51
C TYR B 109 3.40 0.39 15.11
N ALA B 110 3.79 1.26 16.03
CA ALA B 110 3.87 2.73 15.81
C ALA B 110 4.90 3.02 14.73
N THR B 111 6.07 2.36 14.79
CA THR B 111 7.16 2.51 13.80
C THR B 111 6.64 2.06 12.43
N ALA B 112 6.10 0.85 12.36
CA ALA B 112 5.60 0.22 11.12
C ALA B 112 4.55 1.11 10.48
N LEU B 113 3.56 1.56 11.26
CA LEU B 113 2.41 2.34 10.73
C LEU B 113 2.89 3.73 10.30
N ASN B 114 3.82 4.34 11.03
CA ASN B 114 4.45 5.63 10.66
C ASN B 114 5.20 5.48 9.32
N VAL B 115 5.95 4.40 9.13
CA VAL B 115 6.72 4.15 7.88
C VAL B 115 5.74 4.01 6.70
N VAL B 116 4.72 3.15 6.80
CA VAL B 116 3.70 2.94 5.74
C VAL B 116 3.03 4.28 5.41
N SER B 117 2.64 5.07 6.42
CA SER B 117 1.93 6.36 6.24
C SER B 117 2.82 7.36 5.49
N LEU B 118 4.09 7.38 5.84
CA LEU B 118 5.11 8.24 5.22
C LEU B 118 5.19 7.87 3.75
N SER B 119 5.29 6.58 3.46
CA SER B 119 5.42 6.05 2.08
C SER B 119 4.17 6.37 1.25
N VAL B 120 2.99 6.46 1.88
CA VAL B 120 1.72 6.88 1.19
C VAL B 120 1.79 8.39 0.88
N GLU B 121 2.20 9.22 1.84
CA GLU B 121 2.28 10.69 1.66
C GLU B 121 3.28 11.04 0.54
N LEU B 122 4.41 10.33 0.46
CA LEU B 122 5.41 10.53 -0.62
C LEU B 122 4.83 10.07 -1.96
N TYR B 123 4.18 8.91 -1.99
CA TYR B 123 3.57 8.35 -3.23
C TYR B 123 2.63 9.41 -3.81
N LEU B 124 1.76 9.99 -2.98
CA LEU B 124 0.74 10.99 -3.41
C LEU B 124 1.42 12.27 -3.89
N ALA B 125 2.45 12.74 -3.16
CA ALA B 125 3.27 13.92 -3.54
C ALA B 125 3.82 13.75 -4.96
N ILE B 126 4.34 12.55 -5.27
CA ILE B 126 4.96 12.25 -6.58
C ILE B 126 3.87 11.98 -7.64
N CYS B 127 2.88 11.13 -7.35
CA CYS B 127 1.96 10.59 -8.39
C CYS B 127 0.65 11.37 -8.48
N HIS B 128 0.22 12.06 -7.42
CA HIS B 128 -1.04 12.85 -7.39
C HIS B 128 -0.79 14.22 -6.76
N PRO B 129 0.19 14.99 -7.26
CA PRO B 129 0.54 16.28 -6.66
C PRO B 129 -0.65 17.23 -6.52
N PHE B 130 -1.46 17.39 -7.56
CA PHE B 130 -2.62 18.33 -7.59
C PHE B 130 -3.67 17.92 -6.55
N LYS B 131 -4.06 16.65 -6.51
CA LYS B 131 -5.05 16.13 -5.51
C LYS B 131 -4.44 16.20 -4.10
N ALA B 132 -3.13 15.93 -3.97
CA ALA B 132 -2.40 15.99 -2.69
C ALA B 132 -2.41 17.43 -2.13
N LYS B 133 -2.25 18.45 -2.96
CA LYS B 133 -2.29 19.90 -2.56
C LYS B 133 -3.59 20.22 -1.81
N THR B 134 -4.71 19.56 -2.15
CA THR B 134 -6.08 19.87 -1.62
C THR B 134 -6.48 18.84 -0.54
N LEU B 135 -6.38 17.55 -0.82
CA LEU B 135 -6.87 16.46 0.07
C LEU B 135 -6.05 16.38 1.36
N MET B 136 -4.86 16.98 1.41
CA MET B 136 -3.92 16.87 2.56
C MET B 136 -3.92 18.18 3.34
N SER B 137 -3.61 18.10 4.64
CA SER B 137 -3.50 19.25 5.57
C SER B 137 -2.68 18.86 6.80
N ARG B 138 -1.99 19.84 7.38
CA ARG B 138 -1.09 19.65 8.54
C ARG B 138 -1.90 19.06 9.70
N SER B 139 -3.07 19.63 9.99
CA SER B 139 -3.87 19.29 11.19
C SER B 139 -4.47 17.88 11.06
N ARG B 140 -4.86 17.49 9.85
CA ARG B 140 -5.41 16.13 9.54
C ARG B 140 -4.30 15.06 9.67
N THR B 141 -3.06 15.37 9.27
CA THR B 141 -1.89 14.47 9.44
C THR B 141 -1.62 14.26 10.94
N LYS B 142 -1.73 15.31 11.75
CA LYS B 142 -1.55 15.22 13.23
C LYS B 142 -2.60 14.28 13.83
N LYS B 143 -3.88 14.49 13.48
CA LYS B 143 -5.00 13.63 13.89
C LYS B 143 -4.75 12.17 13.48
N PHE B 144 -4.25 11.94 12.27
CA PHE B 144 -3.94 10.58 11.76
C PHE B 144 -2.79 9.95 12.56
N ILE B 145 -1.78 10.74 12.92
CA ILE B 145 -0.62 10.23 13.73
C ILE B 145 -1.13 9.86 15.15
N SER B 146 -2.10 10.58 15.68
CA SER B 146 -2.76 10.25 16.98
C SER B 146 -3.46 8.90 16.88
N ALA B 147 -4.25 8.70 15.82
CA ALA B 147 -4.94 7.43 15.53
C ALA B 147 -3.91 6.29 15.42
N ILE B 148 -2.75 6.53 14.81
CA ILE B 148 -1.67 5.51 14.66
C ILE B 148 -1.22 5.06 16.06
N TRP B 149 -0.94 6.01 16.95
CA TRP B 149 -0.48 5.70 18.33
C TRP B 149 -1.55 4.93 19.10
N LEU B 150 -2.82 5.32 18.97
CA LEU B 150 -3.95 4.62 19.66
C LEU B 150 -4.07 3.20 19.11
N ALA B 151 -4.04 3.05 17.79
CA ALA B 151 -4.07 1.74 17.10
C ALA B 151 -2.94 0.86 17.61
N SER B 152 -1.74 1.43 17.77
CA SER B 152 -0.53 0.69 18.20
C SER B 152 -0.72 0.18 19.62
N ALA B 153 -1.30 1.00 20.50
CA ALA B 153 -1.60 0.64 21.91
C ALA B 153 -2.64 -0.48 21.95
N LEU B 154 -3.69 -0.38 21.14
CA LEU B 154 -4.77 -1.40 21.08
C LEU B 154 -4.20 -2.74 20.56
N LEU B 155 -3.31 -2.73 19.57
CA LEU B 155 -2.77 -3.98 18.99
C LEU B 155 -1.80 -4.66 19.97
N ALA B 156 -1.30 -3.91 20.96
CA ALA B 156 -0.33 -4.38 21.98
C ALA B 156 -1.03 -4.87 23.25
N ILE B 157 -2.37 -4.73 23.34
CA ILE B 157 -3.16 -5.13 24.55
C ILE B 157 -2.93 -6.60 24.87
N PRO B 158 -2.87 -7.54 23.90
CA PRO B 158 -2.61 -8.95 24.22
C PRO B 158 -1.38 -9.20 25.11
N MET B 159 -0.35 -8.36 25.04
CA MET B 159 0.88 -8.53 25.86
C MET B 159 0.53 -8.29 27.34
N LEU B 160 -0.49 -7.47 27.65
CA LEU B 160 -0.93 -7.25 29.05
C LEU B 160 -1.50 -8.53 29.65
N PHE B 161 -2.07 -9.42 28.83
CA PHE B 161 -2.75 -10.69 29.24
C PHE B 161 -1.87 -11.92 28.97
N THR B 162 -0.86 -11.85 28.11
CA THR B 162 -0.05 -13.05 27.77
C THR B 162 1.20 -13.11 28.67
N MET B 163 1.68 -11.97 29.16
CA MET B 163 2.92 -11.86 29.98
C MET B 163 2.57 -11.53 31.43
N GLY B 164 3.30 -12.10 32.39
CA GLY B 164 3.14 -11.82 33.83
C GLY B 164 4.20 -12.51 34.67
N LEU B 165 4.07 -12.44 36.00
CA LEU B 165 5.04 -13.06 36.95
C LEU B 165 4.70 -14.53 37.14
N GLN B 166 5.71 -15.39 37.23
CA GLN B 166 5.56 -16.80 37.68
C GLN B 166 6.74 -17.19 38.56
N ASN B 167 6.50 -18.06 39.54
CA ASN B 167 7.59 -18.64 40.37
C ASN B 167 7.94 -20.01 39.77
N LEU B 168 9.08 -20.09 39.10
CA LEU B 168 9.58 -21.34 38.44
C LEU B 168 10.66 -22.00 39.30
N SER B 169 10.78 -21.65 40.59
CA SER B 169 11.58 -22.45 41.56
C SER B 169 10.96 -23.84 41.69
N GLY B 170 11.74 -24.82 42.15
CA GLY B 170 11.33 -26.23 42.27
C GLY B 170 9.90 -26.38 42.76
N ASP B 171 9.55 -25.72 43.87
CA ASP B 171 8.22 -25.87 44.54
C ASP B 171 7.39 -24.58 44.42
N GLY B 172 7.90 -23.57 43.70
CA GLY B 172 7.18 -22.33 43.37
C GLY B 172 7.07 -21.36 44.53
N THR B 173 7.94 -21.46 45.54
CA THR B 173 7.88 -20.64 46.78
C THR B 173 9.16 -19.82 46.97
N HIS B 174 10.28 -20.20 46.36
CA HIS B 174 11.59 -19.50 46.49
C HIS B 174 11.55 -18.17 45.76
N PRO B 175 11.85 -17.04 46.44
CA PRO B 175 11.80 -15.71 45.82
C PRO B 175 12.75 -15.50 44.62
N GLY B 176 13.83 -16.29 44.56
CA GLY B 176 14.80 -16.23 43.46
C GLY B 176 14.25 -16.78 42.14
N GLY B 177 13.21 -17.61 42.19
CA GLY B 177 12.58 -18.24 41.02
C GLY B 177 11.43 -17.42 40.45
N LEU B 178 11.31 -16.15 40.87
CA LEU B 178 10.27 -15.21 40.36
C LEU B 178 10.77 -14.62 39.03
N VAL B 179 10.06 -14.89 37.94
CA VAL B 179 10.44 -14.51 36.54
C VAL B 179 9.24 -13.85 35.85
N CYS B 180 9.55 -12.89 34.98
CA CYS B 180 8.63 -12.31 33.95
C CYS B 180 8.65 -13.23 32.73
N THR B 181 7.52 -13.83 32.38
CA THR B 181 7.42 -14.96 31.42
C THR B 181 6.00 -15.01 30.85
N PRO B 182 5.74 -15.72 29.72
CA PRO B 182 4.37 -15.97 29.28
C PRO B 182 3.56 -16.77 30.31
N ILE B 183 2.30 -16.36 30.53
CA ILE B 183 1.37 -16.97 31.53
C ILE B 183 0.16 -17.56 30.80
N VAL B 184 0.29 -17.84 29.50
CA VAL B 184 -0.77 -18.48 28.66
C VAL B 184 -0.14 -19.70 28.01
N ASP B 185 -0.96 -20.62 27.49
CA ASP B 185 -0.46 -21.85 26.82
C ASP B 185 0.24 -21.45 25.51
N THR B 186 0.97 -22.39 24.91
CA THR B 186 1.74 -22.21 23.65
C THR B 186 0.80 -21.81 22.52
N ALA B 187 -0.39 -22.43 22.44
CA ALA B 187 -1.42 -22.19 21.40
C ALA B 187 -1.78 -20.70 21.38
N THR B 188 -2.05 -20.14 22.56
CA THR B 188 -2.42 -18.70 22.72
C THR B 188 -1.20 -17.84 22.38
N LEU B 189 -0.02 -18.21 22.86
CA LEU B 189 1.22 -17.43 22.66
C LEU B 189 1.54 -17.38 21.15
N ARG B 190 1.37 -18.49 20.45
CA ARG B 190 1.59 -18.62 18.98
C ARG B 190 0.79 -17.56 18.24
N VAL B 191 -0.50 -17.48 18.58
CA VAL B 191 -1.47 -16.52 17.99
C VAL B 191 -0.92 -15.11 18.12
N VAL B 192 -0.46 -14.70 19.32
CA VAL B 192 -0.10 -13.28 19.57
C VAL B 192 1.23 -12.96 18.88
N ILE B 193 2.16 -13.92 18.85
CA ILE B 193 3.48 -13.73 18.20
C ILE B 193 3.30 -13.61 16.68
N GLN B 194 2.40 -14.41 16.10
CA GLN B 194 2.04 -14.35 14.66
C GLN B 194 1.38 -13.02 14.33
N LEU B 195 0.44 -12.57 15.16
CA LEU B 195 -0.20 -11.22 15.02
C LEU B 195 0.90 -10.16 14.87
N ASN B 196 1.95 -10.19 15.69
CA ASN B 196 3.01 -9.14 15.66
C ASN B 196 3.85 -9.30 14.39
N THR B 197 4.22 -10.52 14.03
CA THR B 197 5.08 -10.82 12.86
C THR B 197 4.38 -10.37 11.58
N PHE B 198 3.08 -10.60 11.49
CA PHE B 198 2.27 -10.18 10.33
C PHE B 198 2.07 -8.67 10.35
N MET B 199 1.53 -8.12 11.44
CA MET B 199 0.93 -6.74 11.43
C MET B 199 1.95 -5.66 11.82
N SER B 200 3.09 -5.99 12.41
CA SER B 200 4.16 -4.99 12.70
C SER B 200 5.35 -5.13 11.73
N PHE B 201 5.41 -6.19 10.92
CA PHE B 201 6.62 -6.54 10.14
C PHE B 201 6.25 -6.86 8.68
N LEU B 202 5.79 -8.08 8.40
CA LEU B 202 5.58 -8.60 7.03
C LEU B 202 4.64 -7.66 6.25
N PHE B 203 3.41 -7.49 6.72
CA PHE B 203 2.37 -6.73 5.97
C PHE B 203 2.81 -5.28 5.76
N PRO B 204 3.09 -4.48 6.83
CA PRO B 204 3.39 -3.06 6.64
C PRO B 204 4.68 -2.82 5.81
N MET B 205 5.72 -3.64 5.99
CA MET B 205 7.01 -3.43 5.25
C MET B 205 6.84 -3.81 3.78
N LEU B 206 6.00 -4.81 3.47
CA LEU B 206 5.69 -5.20 2.09
C LEU B 206 4.94 -4.05 1.37
N VAL B 207 3.98 -3.42 2.06
CA VAL B 207 3.19 -2.26 1.53
C VAL B 207 4.14 -1.06 1.33
N ALA B 208 5.01 -0.75 2.30
CA ALA B 208 5.95 0.40 2.22
C ALA B 208 6.95 0.19 1.07
N SER B 209 7.43 -1.04 0.87
CA SER B 209 8.37 -1.42 -0.21
C SER B 209 7.72 -1.20 -1.58
N ILE B 210 6.50 -1.67 -1.77
CA ILE B 210 5.76 -1.50 -3.05
C ILE B 210 5.57 -0.01 -3.33
N LEU B 211 5.02 0.75 -2.38
CA LEU B 211 4.72 2.20 -2.57
C LEU B 211 6.03 2.94 -2.86
N ASN B 212 7.13 2.54 -2.22
CA ASN B 212 8.43 3.23 -2.33
C ASN B 212 9.04 2.96 -3.71
N THR B 213 8.95 1.71 -4.18
CA THR B 213 9.44 1.28 -5.51
C THR B 213 8.67 2.04 -6.59
N VAL B 214 7.33 1.99 -6.55
CA VAL B 214 6.46 2.61 -7.57
C VAL B 214 6.75 4.12 -7.63
N ALA B 215 6.85 4.77 -6.47
CA ALA B 215 7.14 6.23 -6.35
C ALA B 215 8.49 6.57 -6.99
N ALA B 216 9.51 5.74 -6.78
CA ALA B 216 10.90 5.93 -7.28
C ALA B 216 10.90 5.88 -8.82
N ARG B 217 10.26 4.86 -9.40
CA ARG B 217 10.12 4.67 -10.87
C ARG B 217 9.34 5.86 -11.45
N ARG B 218 8.18 6.18 -10.86
CA ARG B 218 7.26 7.24 -11.35
C ARG B 218 7.96 8.59 -11.34
N LEU B 219 8.79 8.86 -10.32
CA LEU B 219 9.60 10.10 -10.23
C LEU B 219 10.56 10.16 -11.42
N THR B 220 11.23 9.05 -11.74
CA THR B 220 12.22 8.94 -12.85
C THR B 220 11.54 9.25 -14.20
N VAL B 221 10.35 8.68 -14.41
CA VAL B 221 9.51 8.84 -15.64
C VAL B 221 9.01 10.29 -15.74
N MET B 222 8.46 10.83 -14.65
CA MET B 222 7.88 12.21 -14.60
C MET B 222 9.01 13.24 -14.72
N VAL B 223 10.23 12.90 -14.31
CA VAL B 223 11.46 13.74 -14.51
C VAL B 223 11.91 13.60 -15.97
N HIS B 224 12.14 12.37 -16.45
CA HIS B 224 12.60 12.07 -17.83
C HIS B 224 11.69 12.78 -18.85
N GLN B 225 10.37 12.72 -18.66
CA GLN B 225 9.33 13.39 -19.51
C GLN B 225 9.62 14.90 -19.59
N ILE B 232 8.95 21.65 -14.45
CA ILE B 232 9.13 20.92 -13.16
C ILE B 232 9.82 21.84 -12.15
N GLU B 233 9.81 21.47 -10.87
CA GLU B 233 10.51 22.19 -9.77
C GLU B 233 11.78 21.42 -9.42
N PRO B 234 12.98 21.92 -9.80
CA PRO B 234 14.23 21.19 -9.54
C PRO B 234 14.39 20.85 -8.05
N GLY B 235 14.09 21.80 -7.17
CA GLY B 235 14.24 21.68 -5.70
C GLY B 235 13.29 20.64 -5.12
N ARG B 236 12.09 20.51 -5.70
CA ARG B 236 11.08 19.52 -5.24
C ARG B 236 11.55 18.11 -5.62
N VAL B 237 11.96 17.91 -6.88
CA VAL B 237 12.45 16.61 -7.41
C VAL B 237 13.65 16.15 -6.55
N GLN B 238 14.61 17.04 -6.30
CA GLN B 238 15.82 16.75 -5.49
C GLN B 238 15.40 16.24 -4.11
N ALA B 239 14.49 16.95 -3.45
CA ALA B 239 13.98 16.63 -2.09
C ALA B 239 13.22 15.30 -2.09
N LEU B 240 12.32 15.10 -3.07
CA LEU B 240 11.50 13.87 -3.19
C LEU B 240 12.42 12.68 -3.43
N ARG B 241 13.45 12.83 -4.28
CA ARG B 241 14.41 11.74 -4.60
C ARG B 241 15.18 11.37 -3.31
N ARG B 242 15.56 12.36 -2.50
CA ARG B 242 16.22 12.10 -1.19
C ARG B 242 15.27 11.32 -0.27
N GLY B 243 14.00 11.77 -0.17
CA GLY B 243 12.97 11.16 0.71
C GLY B 243 12.74 9.70 0.36
N VAL B 244 12.52 9.40 -0.91
CA VAL B 244 12.29 8.03 -1.44
C VAL B 244 13.50 7.14 -1.07
N LEU B 245 14.72 7.63 -1.24
CA LEU B 245 15.95 6.81 -1.06
C LEU B 245 16.24 6.63 0.43
N VAL B 246 16.00 7.65 1.25
CA VAL B 246 16.13 7.56 2.73
C VAL B 246 15.10 6.54 3.23
N LEU B 247 13.84 6.69 2.83
CA LEU B 247 12.73 5.81 3.26
C LEU B 247 13.03 4.36 2.84
N ARG B 248 13.64 4.15 1.66
CA ARG B 248 14.06 2.80 1.18
C ARG B 248 15.11 2.21 2.12
N ALA B 249 16.07 3.02 2.59
CA ALA B 249 17.14 2.58 3.51
C ALA B 249 16.52 2.24 4.87
N VAL B 250 15.57 3.05 5.33
CA VAL B 250 14.80 2.85 6.59
C VAL B 250 14.07 1.50 6.54
N VAL B 251 13.32 1.23 5.46
CA VAL B 251 12.56 -0.04 5.27
C VAL B 251 13.53 -1.21 5.29
N ILE B 252 14.61 -1.18 4.52
CA ILE B 252 15.62 -2.28 4.44
C ILE B 252 16.26 -2.48 5.83
N ALA B 253 16.66 -1.40 6.49
CA ALA B 253 17.23 -1.40 7.86
C ALA B 253 16.26 -2.07 8.82
N PHE B 254 14.97 -1.72 8.73
CA PHE B 254 13.91 -2.28 9.61
C PHE B 254 13.84 -3.80 9.40
N VAL B 255 13.77 -4.24 8.15
CA VAL B 255 13.61 -5.68 7.78
C VAL B 255 14.81 -6.49 8.26
N VAL B 256 16.04 -6.01 8.02
CA VAL B 256 17.29 -6.69 8.47
C VAL B 256 17.32 -6.79 10.01
N CYS B 257 17.02 -5.70 10.72
CA CYS B 257 17.15 -5.60 12.20
C CYS B 257 16.10 -6.45 12.93
N TRP B 258 14.90 -6.59 12.37
CA TRP B 258 13.74 -7.23 13.05
C TRP B 258 13.58 -8.70 12.67
N LEU B 259 14.18 -9.17 11.59
CA LEU B 259 13.98 -10.57 11.11
C LEU B 259 14.48 -11.54 12.18
N PRO B 260 15.71 -11.39 12.72
CA PRO B 260 16.20 -12.30 13.75
C PRO B 260 15.26 -12.37 14.97
N TYR B 261 14.80 -11.22 15.46
CA TYR B 261 13.85 -11.06 16.60
C TYR B 261 12.58 -11.90 16.39
N HIS B 262 11.95 -11.77 15.22
CA HIS B 262 10.72 -12.54 14.90
C HIS B 262 11.03 -14.03 14.80
N VAL B 263 12.20 -14.39 14.27
CA VAL B 263 12.63 -15.81 14.17
C VAL B 263 12.81 -16.35 15.59
N ARG B 264 13.45 -15.59 16.48
CA ARG B 264 13.69 -15.99 17.89
C ARG B 264 12.35 -16.25 18.61
N ARG B 265 11.37 -15.37 18.44
CA ARG B 265 10.04 -15.49 19.11
C ARG B 265 9.29 -16.69 18.55
N LEU B 266 9.39 -16.94 17.24
CA LEU B 266 8.75 -18.12 16.60
C LEU B 266 9.46 -19.39 17.09
N MET B 267 10.78 -19.31 17.30
CA MET B 267 11.60 -20.42 17.87
C MET B 267 11.04 -20.80 19.25
N PHE B 268 10.70 -19.80 20.07
CA PHE B 268 10.21 -19.95 21.47
C PHE B 268 8.89 -20.73 21.53
N VAL B 269 8.00 -20.60 20.55
CA VAL B 269 6.64 -21.23 20.57
C VAL B 269 6.57 -22.44 19.63
N TYR B 270 7.52 -22.64 18.72
CA TYR B 270 7.39 -23.69 17.68
C TYR B 270 8.28 -24.90 18.00
N ILE B 271 9.40 -24.71 18.68
CA ILE B 271 10.30 -25.84 19.05
C ILE B 271 9.66 -26.59 20.22
N SER B 272 9.58 -27.92 20.12
CA SER B 272 8.96 -28.84 21.12
C SER B 272 9.94 -29.08 22.27
N ASP B 273 9.40 -29.38 23.46
CA ASP B 273 10.16 -29.63 24.71
C ASP B 273 11.34 -30.56 24.41
N GLU B 274 11.07 -31.68 23.73
CA GLU B 274 12.05 -32.78 23.48
C GLU B 274 13.27 -32.24 22.73
N GLN B 275 13.07 -31.24 21.84
CA GLN B 275 14.17 -30.69 21.00
C GLN B 275 14.96 -29.67 21.82
N TRP B 276 14.39 -29.18 22.93
CA TRP B 276 15.05 -28.19 23.83
C TRP B 276 16.14 -28.89 24.66
N THR B 277 17.28 -29.12 24.02
CA THR B 277 18.55 -29.56 24.66
C THR B 277 19.16 -28.36 25.38
N THR B 278 20.14 -28.59 26.24
CA THR B 278 20.89 -27.50 26.92
C THR B 278 21.65 -26.72 25.84
N ALA B 279 22.18 -27.42 24.83
CA ALA B 279 22.86 -26.84 23.65
C ALA B 279 21.95 -25.82 22.98
N LEU B 280 20.68 -26.19 22.74
CA LEU B 280 19.69 -25.32 22.05
C LEU B 280 19.26 -24.18 22.99
N PHE B 281 19.07 -24.49 24.27
CA PHE B 281 18.82 -23.53 25.37
C PHE B 281 19.95 -22.49 25.42
N ASP B 282 21.20 -22.96 25.35
CA ASP B 282 22.42 -22.11 25.39
C ASP B 282 22.47 -21.24 24.13
N PHE B 283 22.20 -21.83 22.96
CA PHE B 283 22.17 -21.11 21.65
C PHE B 283 21.16 -19.97 21.74
N TYR B 284 19.95 -20.27 22.24
CA TYR B 284 18.82 -19.31 22.31
C TYR B 284 19.27 -18.03 23.00
N HIS B 285 19.97 -18.15 24.14
CA HIS B 285 20.27 -16.97 25.02
C HIS B 285 21.39 -16.15 24.39
N TYR B 286 22.24 -16.76 23.55
CA TYR B 286 23.22 -16.06 22.68
C TYR B 286 22.48 -15.37 21.53
N PHE B 287 21.56 -16.08 20.88
CA PHE B 287 20.72 -15.53 19.77
C PHE B 287 19.97 -14.29 20.29
N TYR B 288 19.42 -14.38 21.51
CA TYR B 288 18.73 -13.26 22.20
C TYR B 288 19.62 -12.01 22.22
N MET B 289 20.88 -12.14 22.65
CA MET B 289 21.85 -11.02 22.72
C MET B 289 21.96 -10.34 21.33
N LEU B 290 22.21 -11.12 20.28
CA LEU B 290 22.37 -10.61 18.89
C LEU B 290 21.07 -9.92 18.45
N SER B 291 19.92 -10.60 18.57
CA SER B 291 18.62 -10.14 18.02
C SER B 291 18.13 -8.89 18.76
N ASN B 292 18.41 -8.74 20.05
CA ASN B 292 17.98 -7.57 20.86
C ASN B 292 18.94 -6.40 20.60
N ALA B 293 20.21 -6.69 20.33
CA ALA B 293 21.21 -5.69 19.87
C ALA B 293 20.70 -5.05 18.57
N LEU B 294 20.26 -5.85 17.61
CA LEU B 294 19.76 -5.37 16.29
C LEU B 294 18.48 -4.55 16.48
N VAL B 295 17.67 -4.84 17.50
CA VAL B 295 16.48 -4.02 17.84
C VAL B 295 16.94 -2.61 18.23
N TYR B 296 18.01 -2.48 19.01
CA TYR B 296 18.51 -1.15 19.47
C TYR B 296 19.24 -0.44 18.31
N VAL B 297 19.86 -1.19 17.37
CA VAL B 297 20.41 -0.62 16.11
C VAL B 297 19.27 0.08 15.35
N SER B 298 18.13 -0.60 15.22
CA SER B 298 16.87 -0.08 14.61
C SER B 298 16.50 1.26 15.25
N ALA B 299 16.58 1.38 16.57
CA ALA B 299 16.19 2.58 17.36
C ALA B 299 17.19 3.71 17.16
N ALA B 300 18.42 3.42 16.74
CA ALA B 300 19.54 4.40 16.71
C ALA B 300 19.86 4.85 15.27
N ILE B 301 19.44 4.10 14.25
CA ILE B 301 20.01 4.21 12.86
C ILE B 301 19.34 5.33 12.05
N ASN B 302 18.04 5.56 12.19
CA ASN B 302 17.26 6.50 11.33
C ASN B 302 17.91 7.87 11.28
N PRO B 303 18.27 8.52 12.42
CA PRO B 303 18.91 9.84 12.38
C PRO B 303 20.20 9.84 11.55
N ILE B 304 20.95 8.73 11.60
CA ILE B 304 22.19 8.53 10.79
C ILE B 304 21.79 8.47 9.31
N LEU B 305 20.74 7.70 8.98
CA LEU B 305 20.27 7.54 7.58
C LEU B 305 19.87 8.90 7.00
N TYR B 306 19.21 9.77 7.78
CA TYR B 306 18.81 11.13 7.33
C TYR B 306 20.06 11.88 6.88
N ASN B 307 21.18 11.72 7.61
CA ASN B 307 22.46 12.43 7.34
C ASN B 307 23.17 11.86 6.11
N LEU B 308 22.84 10.65 5.66
CA LEU B 308 23.50 9.99 4.49
C LEU B 308 22.66 10.16 3.22
N ALA B 309 21.65 11.04 3.24
CA ALA B 309 20.71 11.31 2.13
C ALA B 309 21.46 11.55 0.81
N GLU B 310 22.49 12.41 0.81
CA GLU B 310 23.28 12.76 -0.39
C GLU B 310 24.08 11.53 -0.85
N ASP B 311 24.62 10.75 0.09
CA ASP B 311 25.37 9.49 -0.21
C ASP B 311 24.44 8.49 -0.90
N LEU B 312 23.21 8.34 -0.39
CA LEU B 312 22.20 7.41 -0.94
C LEU B 312 21.85 7.82 -2.38
N VAL B 313 21.72 9.12 -2.63
CA VAL B 313 21.42 9.67 -3.99
C VAL B 313 22.59 9.33 -4.93
N GLU B 314 23.84 9.42 -4.45
CA GLU B 314 25.07 9.12 -5.26
C GLU B 314 25.10 7.63 -5.63
N ASP B 315 24.97 6.74 -4.64
CA ASP B 315 24.90 5.26 -4.84
C ASP B 315 23.87 4.97 -5.92
N TRP B 316 22.68 5.58 -5.79
CA TRP B 316 21.54 5.42 -6.72
C TRP B 316 21.90 5.92 -8.12
N GLU B 317 22.57 7.08 -8.22
CA GLU B 317 22.98 7.70 -9.51
C GLU B 317 23.99 6.79 -10.21
N LYS B 318 24.92 6.18 -9.45
CA LYS B 318 25.99 5.29 -9.95
C LYS B 318 25.37 4.00 -10.51
N ALA B 319 24.52 3.35 -9.72
CA ALA B 319 23.79 2.12 -10.08
C ALA B 319 23.04 2.33 -11.39
N ARG B 320 22.34 3.46 -11.53
CA ARG B 320 21.47 3.77 -12.69
C ARG B 320 22.34 4.08 -13.91
N LYS B 321 23.54 4.63 -13.70
CA LYS B 321 24.51 4.96 -14.77
C LYS B 321 25.16 3.67 -15.30
N LEU B 322 25.39 2.69 -14.41
CA LEU B 322 25.98 1.36 -14.78
C LEU B 322 24.99 0.61 -15.69
N LEU B 323 23.68 0.72 -15.41
CA LEU B 323 22.58 0.09 -16.21
C LEU B 323 22.59 0.66 -17.64
N GLU B 324 22.72 1.99 -17.79
CA GLU B 324 22.76 2.67 -19.11
C GLU B 324 24.07 2.32 -19.82
N ALA B 325 25.18 2.29 -19.08
CA ALA B 325 26.54 1.96 -19.59
C ALA B 325 26.55 0.53 -20.17
N ALA B 326 25.93 -0.41 -19.46
CA ALA B 326 25.88 -1.84 -19.80
C ALA B 326 24.94 -2.07 -21.00
N ARG B 327 23.85 -1.31 -21.10
CA ARG B 327 22.88 -1.41 -22.23
C ARG B 327 23.44 -0.69 -23.48
N LYS B 328 23.79 0.60 -23.35
CA LYS B 328 24.18 1.51 -24.47
C LYS B 328 25.44 0.99 -25.16
N GLY B 329 26.29 0.25 -24.43
CA GLY B 329 27.52 -0.37 -24.98
C GLY B 329 28.74 0.53 -24.80
N GLN B 330 28.88 1.12 -23.61
CA GLN B 330 29.97 2.05 -23.22
C GLN B 330 30.93 1.26 -22.31
N ASP B 331 31.81 0.45 -22.93
CA ASP B 331 32.78 -0.45 -22.25
C ASP B 331 33.52 0.30 -21.15
N ASP B 332 34.10 1.46 -21.49
CA ASP B 332 34.93 2.30 -20.59
C ASP B 332 34.10 2.76 -19.37
N GLU B 333 32.95 3.41 -19.63
CA GLU B 333 32.00 3.91 -18.59
C GLU B 333 31.76 2.83 -17.53
N VAL B 334 31.59 1.57 -17.93
CA VAL B 334 31.31 0.41 -17.01
C VAL B 334 32.54 0.17 -16.13
N ARG B 335 33.74 0.18 -16.71
CA ARG B 335 35.04 -0.04 -16.01
C ARG B 335 35.15 1.00 -14.88
N ILE B 336 35.00 2.27 -15.23
CA ILE B 336 35.12 3.44 -14.30
C ILE B 336 34.09 3.30 -13.17
N LEU B 337 32.80 3.10 -13.51
CA LEU B 337 31.67 3.05 -12.54
C LEU B 337 31.86 1.88 -11.55
N LEU B 338 32.40 0.75 -12.03
CA LEU B 338 32.72 -0.43 -11.18
C LEU B 338 33.84 -0.06 -10.19
N ALA B 339 34.90 0.59 -10.68
CA ALA B 339 36.07 1.06 -9.88
C ALA B 339 35.59 1.98 -8.74
N ASN B 340 34.70 2.94 -9.04
CA ASN B 340 34.06 3.85 -8.05
C ASN B 340 33.48 3.02 -6.91
N GLY B 341 32.65 2.02 -7.24
CA GLY B 341 31.93 1.16 -6.28
C GLY B 341 30.45 1.03 -6.61
N ALA B 342 30.05 1.31 -7.85
CA ALA B 342 28.66 1.12 -8.36
C ALA B 342 28.25 -0.34 -8.16
N ASP B 343 27.03 -0.55 -7.64
CA ASP B 343 26.43 -1.88 -7.38
C ASP B 343 26.33 -2.66 -8.70
N VAL B 344 27.13 -3.73 -8.85
CA VAL B 344 27.20 -4.58 -10.07
C VAL B 344 25.89 -5.37 -10.21
N ASN B 345 25.22 -5.68 -9.08
CA ASN B 345 23.98 -6.51 -9.01
C ASN B 345 22.73 -5.63 -8.78
N THR B 346 22.80 -4.34 -9.10
CA THR B 346 21.63 -3.42 -9.18
C THR B 346 20.66 -3.96 -10.25
N ALA B 347 19.40 -3.52 -10.26
CA ALA B 347 18.38 -3.95 -11.24
C ALA B 347 17.42 -2.79 -11.58
N ASP B 348 16.83 -2.81 -12.78
CA ASP B 348 15.83 -1.82 -13.25
C ASP B 348 14.41 -2.29 -12.88
N GLU B 349 13.38 -1.53 -13.30
CA GLU B 349 11.93 -1.77 -13.02
C GLU B 349 11.49 -3.19 -13.41
N THR B 350 12.10 -3.77 -14.45
CA THR B 350 11.77 -5.13 -14.96
C THR B 350 12.47 -6.20 -14.10
N GLY B 351 13.52 -5.81 -13.37
CA GLY B 351 14.37 -6.73 -12.58
C GLY B 351 15.65 -7.12 -13.32
N PHE B 352 15.95 -6.47 -14.44
CA PHE B 352 17.18 -6.70 -15.25
C PHE B 352 18.38 -6.05 -14.57
N THR B 353 19.40 -6.85 -14.25
CA THR B 353 20.73 -6.39 -13.77
C THR B 353 21.54 -5.92 -14.98
N PRO B 354 22.69 -5.23 -14.79
CA PRO B 354 23.53 -4.83 -15.93
C PRO B 354 23.90 -6.03 -16.81
N LEU B 355 24.13 -7.19 -16.19
CA LEU B 355 24.45 -8.46 -16.91
C LEU B 355 23.28 -8.84 -17.83
N HIS B 356 22.03 -8.78 -17.34
CA HIS B 356 20.80 -9.01 -18.15
C HIS B 356 20.86 -8.11 -19.39
N LEU B 357 21.06 -6.81 -19.20
CA LEU B 357 21.04 -5.79 -20.28
C LEU B 357 22.22 -5.97 -21.24
N ALA B 358 23.38 -6.44 -20.74
CA ALA B 358 24.60 -6.73 -21.55
C ALA B 358 24.34 -7.94 -22.45
N ALA B 359 23.84 -9.04 -21.88
CA ALA B 359 23.54 -10.32 -22.58
C ALA B 359 22.46 -10.09 -23.64
N TRP B 360 21.48 -9.24 -23.34
CA TRP B 360 20.33 -8.88 -24.21
C TRP B 360 20.79 -8.10 -25.45
N GLU B 361 21.79 -7.21 -25.33
CA GLU B 361 22.18 -6.23 -26.39
C GLU B 361 23.39 -6.73 -27.20
N GLY B 362 23.97 -7.88 -26.82
CA GLY B 362 25.27 -8.35 -27.33
C GLY B 362 26.36 -8.08 -26.31
N HIS B 363 27.29 -7.17 -26.64
CA HIS B 363 28.25 -6.55 -25.68
C HIS B 363 28.99 -7.64 -24.89
N LEU B 364 29.64 -8.57 -25.62
CA LEU B 364 30.48 -9.68 -25.07
C LEU B 364 31.47 -9.12 -24.03
N GLY B 365 32.19 -8.06 -24.40
CA GLY B 365 33.18 -7.38 -23.53
C GLY B 365 32.57 -7.02 -22.19
N ILE B 366 31.56 -6.15 -22.19
CA ILE B 366 30.84 -5.64 -20.98
C ILE B 366 30.38 -6.84 -20.11
N VAL B 367 29.91 -7.92 -20.74
CA VAL B 367 29.47 -9.17 -20.04
C VAL B 367 30.68 -9.75 -19.27
N GLU B 368 31.83 -9.87 -19.95
CA GLU B 368 33.09 -10.43 -19.39
C GLU B 368 33.56 -9.53 -18.23
N VAL B 369 33.59 -8.21 -18.45
CA VAL B 369 34.00 -7.18 -17.44
C VAL B 369 33.12 -7.31 -16.18
N LEU B 370 31.79 -7.45 -16.36
CA LEU B 370 30.78 -7.50 -15.26
C LEU B 370 30.94 -8.77 -14.42
N LEU B 371 31.10 -9.92 -15.09
CA LEU B 371 31.26 -11.25 -14.44
C LEU B 371 32.53 -11.23 -13.59
N LYS B 372 33.64 -10.74 -14.17
CA LYS B 372 34.99 -10.62 -13.54
C LYS B 372 34.89 -9.87 -12.19
N ASN B 373 34.06 -8.83 -12.11
CA ASN B 373 33.87 -7.98 -10.89
C ASN B 373 32.96 -8.67 -9.86
N GLY B 374 32.30 -9.77 -10.23
CA GLY B 374 31.49 -10.60 -9.31
C GLY B 374 30.00 -10.35 -9.47
N ALA B 375 29.52 -10.16 -10.70
CA ALA B 375 28.09 -10.08 -11.06
C ALA B 375 27.43 -11.45 -10.84
N ASP B 376 26.24 -11.48 -10.23
CA ASP B 376 25.41 -12.71 -10.07
C ASP B 376 24.99 -13.22 -11.46
N VAL B 377 25.56 -14.33 -11.90
CA VAL B 377 25.37 -14.93 -13.25
C VAL B 377 23.93 -15.48 -13.37
N ASN B 378 23.32 -15.90 -12.26
CA ASN B 378 21.98 -16.54 -12.21
C ASN B 378 20.96 -15.56 -11.59
N ALA B 379 21.10 -14.26 -11.87
CA ALA B 379 20.14 -13.22 -11.41
C ALA B 379 18.82 -13.42 -12.15
N ASN B 380 17.70 -13.35 -11.44
CA ASN B 380 16.33 -13.49 -12.01
C ASN B 380 15.68 -12.12 -12.11
N ASP B 381 15.10 -11.78 -13.26
CA ASP B 381 14.11 -10.68 -13.37
C ASP B 381 12.80 -11.13 -12.70
N GLU B 382 11.75 -10.30 -12.78
CA GLU B 382 10.49 -10.50 -12.02
C GLU B 382 9.70 -11.70 -12.58
N ARG B 383 10.05 -12.20 -13.76
CA ARG B 383 9.40 -13.39 -14.36
C ARG B 383 10.30 -14.63 -14.24
N GLY B 384 11.53 -14.50 -13.69
CA GLY B 384 12.48 -15.60 -13.48
C GLY B 384 13.46 -15.82 -14.63
N HIS B 385 13.54 -14.90 -15.58
CA HIS B 385 14.53 -14.93 -16.69
C HIS B 385 15.93 -14.64 -16.13
N THR B 386 16.87 -15.58 -16.33
CA THR B 386 18.32 -15.42 -16.08
C THR B 386 18.95 -14.74 -17.30
N PRO B 387 20.17 -14.18 -17.19
CA PRO B 387 20.91 -13.71 -18.37
C PRO B 387 20.99 -14.76 -19.50
N LEU B 388 21.07 -16.05 -19.15
CA LEU B 388 21.18 -17.16 -20.14
C LEU B 388 19.89 -17.24 -20.98
N HIS B 389 18.71 -17.06 -20.36
CA HIS B 389 17.40 -16.95 -21.05
C HIS B 389 17.50 -15.87 -22.15
N LEU B 390 17.93 -14.66 -21.77
CA LEU B 390 17.97 -13.46 -22.66
C LEU B 390 18.93 -13.71 -23.83
N ALA B 391 20.10 -14.32 -23.58
CA ALA B 391 21.15 -14.62 -24.58
C ALA B 391 20.63 -15.63 -25.62
N ALA B 392 19.92 -16.65 -25.15
CA ALA B 392 19.29 -17.72 -25.96
C ALA B 392 18.20 -17.12 -26.85
N TYR B 393 17.41 -16.17 -26.32
CA TYR B 393 16.26 -15.52 -27.00
C TYR B 393 16.74 -14.65 -28.17
N THR B 394 17.77 -13.82 -27.95
CA THR B 394 18.25 -12.80 -28.94
C THR B 394 19.09 -13.50 -30.01
N GLY B 395 20.01 -14.37 -29.60
CA GLY B 395 20.78 -15.25 -30.52
C GLY B 395 22.25 -14.90 -30.54
N HIS B 396 22.88 -14.80 -29.35
CA HIS B 396 24.31 -14.46 -29.17
C HIS B 396 25.06 -15.67 -28.58
N LEU B 397 25.74 -16.43 -29.44
CA LEU B 397 26.45 -17.70 -29.11
C LEU B 397 27.55 -17.42 -28.08
N GLU B 398 28.46 -16.50 -28.39
CA GLU B 398 29.67 -16.19 -27.56
C GLU B 398 29.26 -15.89 -26.11
N ILE B 399 28.18 -15.12 -25.90
CA ILE B 399 27.68 -14.74 -24.55
C ILE B 399 27.20 -15.99 -23.80
N VAL B 400 26.52 -16.91 -24.51
CA VAL B 400 26.01 -18.20 -23.96
C VAL B 400 27.20 -19.02 -23.44
N GLU B 401 28.27 -19.15 -24.25
CA GLU B 401 29.52 -19.87 -23.90
C GLU B 401 30.15 -19.22 -22.66
N VAL B 402 30.33 -17.89 -22.70
CA VAL B 402 30.90 -17.05 -21.60
C VAL B 402 30.08 -17.26 -20.32
N LEU B 403 28.74 -17.20 -20.43
CA LEU B 403 27.80 -17.35 -19.29
C LEU B 403 27.88 -18.76 -18.70
N LEU B 404 27.80 -19.78 -19.57
CA LEU B 404 27.86 -21.22 -19.19
C LEU B 404 29.17 -21.49 -18.46
N LYS B 405 30.29 -21.01 -19.03
CA LYS B 405 31.66 -21.04 -18.44
C LYS B 405 31.62 -20.53 -16.98
N ASN B 406 31.00 -19.37 -16.74
CA ASN B 406 30.98 -18.69 -15.41
C ASN B 406 29.99 -19.36 -14.45
N GLY B 407 29.20 -20.33 -14.93
CA GLY B 407 28.37 -21.22 -14.08
C GLY B 407 26.89 -20.89 -14.14
N ALA B 408 26.38 -20.65 -15.35
CA ALA B 408 24.95 -20.36 -15.64
C ALA B 408 24.14 -21.66 -15.65
N GLY B 409 22.98 -21.67 -14.97
CA GLY B 409 22.05 -22.81 -14.92
C GLY B 409 21.40 -23.09 -16.28
N VAL B 410 21.78 -24.19 -16.93
CA VAL B 410 21.33 -24.56 -18.31
C VAL B 410 19.84 -24.95 -18.29
N ASN B 411 19.33 -25.39 -17.12
CA ASN B 411 17.96 -25.90 -16.93
C ASN B 411 17.18 -24.97 -15.99
N ALA B 412 17.54 -23.68 -15.97
CA ALA B 412 16.82 -22.64 -15.18
C ALA B 412 15.50 -22.33 -15.90
N THR B 413 14.39 -22.30 -15.17
CA THR B 413 13.03 -22.13 -15.74
C THR B 413 12.40 -20.85 -15.20
N ASP B 414 11.66 -20.14 -16.05
CA ASP B 414 10.86 -18.94 -15.67
C ASP B 414 9.54 -19.39 -15.03
N VAL B 415 8.63 -18.47 -14.76
CA VAL B 415 7.32 -18.72 -14.07
C VAL B 415 6.45 -19.67 -14.90
N ILE B 416 6.61 -19.68 -16.23
CA ILE B 416 5.84 -20.51 -17.21
C ILE B 416 6.52 -21.88 -17.36
N GLY B 417 7.74 -22.04 -16.84
CA GLY B 417 8.56 -23.26 -16.96
C GLY B 417 9.40 -23.29 -18.23
N THR B 418 9.55 -22.13 -18.89
CA THR B 418 10.42 -21.94 -20.10
C THR B 418 11.88 -22.00 -19.67
N ALA B 419 12.64 -22.94 -20.25
CA ALA B 419 14.11 -23.08 -20.09
C ALA B 419 14.80 -22.40 -21.26
N PRO B 420 16.12 -22.12 -21.18
CA PRO B 420 16.85 -21.58 -22.33
C PRO B 420 16.71 -22.41 -23.62
N LEU B 421 16.64 -23.74 -23.51
CA LEU B 421 16.52 -24.65 -24.69
C LEU B 421 15.20 -24.36 -25.44
N HIS B 422 14.12 -24.04 -24.72
CA HIS B 422 12.80 -23.63 -25.30
C HIS B 422 12.98 -22.37 -26.17
N LEU B 423 13.71 -21.38 -25.65
CA LEU B 423 13.88 -20.04 -26.29
C LEU B 423 14.79 -20.17 -27.52
N ALA B 424 15.89 -20.93 -27.43
CA ALA B 424 16.85 -21.19 -28.54
C ALA B 424 16.10 -21.82 -29.72
N ALA B 425 15.28 -22.84 -29.44
CA ALA B 425 14.51 -23.63 -30.43
C ALA B 425 13.40 -22.78 -31.05
N MET B 426 12.72 -21.96 -30.23
CA MET B 426 11.55 -21.14 -30.62
C MET B 426 11.95 -20.09 -31.67
N TRP B 427 13.15 -19.50 -31.56
CA TRP B 427 13.58 -18.31 -32.35
C TRP B 427 14.68 -18.66 -33.37
N GLY B 428 14.78 -19.92 -33.77
CA GLY B 428 15.59 -20.37 -34.92
C GLY B 428 17.09 -20.21 -34.70
N HIS B 429 17.59 -20.50 -33.49
CA HIS B 429 19.02 -20.40 -33.11
C HIS B 429 19.64 -21.80 -33.00
N LEU B 430 19.89 -22.45 -34.15
CA LEU B 430 20.45 -23.83 -34.26
C LEU B 430 21.76 -23.93 -33.46
N GLU B 431 22.72 -23.04 -33.73
CA GLU B 431 24.06 -23.03 -33.07
C GLU B 431 23.88 -23.07 -31.54
N ILE B 432 22.95 -22.27 -31.00
CA ILE B 432 22.70 -22.17 -29.52
C ILE B 432 22.05 -23.45 -29.00
N VAL B 433 21.10 -24.03 -29.75
CA VAL B 433 20.45 -25.33 -29.41
C VAL B 433 21.55 -26.37 -29.15
N GLU B 434 22.51 -26.47 -30.08
CA GLU B 434 23.71 -27.37 -30.03
C GLU B 434 24.46 -27.17 -28.70
N VAL B 435 24.86 -25.93 -28.39
CA VAL B 435 25.76 -25.63 -27.23
C VAL B 435 25.01 -25.89 -25.91
N LEU B 436 23.70 -25.60 -25.84
CA LEU B 436 22.88 -25.81 -24.61
C LEU B 436 22.75 -27.31 -24.33
N LEU B 437 22.43 -28.10 -25.38
CA LEU B 437 22.32 -29.59 -25.29
C LEU B 437 23.63 -30.15 -24.70
N LYS B 438 24.77 -29.79 -25.30
CA LYS B 438 26.16 -30.16 -24.87
C LYS B 438 26.38 -29.93 -23.37
N ASN B 439 25.74 -28.92 -22.76
CA ASN B 439 25.98 -28.50 -21.35
C ASN B 439 24.91 -29.06 -20.40
N GLY B 440 24.08 -29.99 -20.88
CA GLY B 440 23.16 -30.78 -20.03
C GLY B 440 21.76 -30.16 -19.98
N ALA B 441 21.26 -29.68 -21.13
CA ALA B 441 19.88 -29.18 -21.32
C ALA B 441 18.95 -30.36 -21.60
N ASP B 442 17.96 -30.57 -20.73
CA ASP B 442 16.94 -31.67 -20.84
C ASP B 442 16.15 -31.49 -22.13
N VAL B 443 16.29 -32.43 -23.07
CA VAL B 443 15.74 -32.33 -24.47
C VAL B 443 14.21 -32.30 -24.44
N ASN B 444 13.59 -32.75 -23.32
CA ASN B 444 12.12 -32.94 -23.17
C ASN B 444 11.63 -32.25 -21.89
N ALA B 445 12.22 -31.10 -21.55
CA ALA B 445 11.69 -30.20 -20.50
C ALA B 445 10.36 -29.64 -21.01
N GLN B 446 9.34 -29.62 -20.16
CA GLN B 446 7.96 -29.17 -20.54
C GLN B 446 7.66 -27.88 -19.78
N ASP B 447 7.05 -26.91 -20.44
CA ASP B 447 6.50 -25.68 -19.79
C ASP B 447 5.15 -26.04 -19.15
N LYS B 448 4.50 -25.06 -18.52
CA LYS B 448 3.21 -25.25 -17.80
C LYS B 448 2.16 -25.87 -18.75
N PHE B 449 2.34 -25.79 -20.07
CA PHE B 449 1.35 -26.22 -21.10
C PHE B 449 1.83 -27.48 -21.86
N GLY B 450 2.94 -28.08 -21.41
CA GLY B 450 3.42 -29.38 -21.91
C GLY B 450 4.29 -29.25 -23.14
N LYS B 451 4.65 -28.03 -23.55
CA LYS B 451 5.48 -27.79 -24.77
C LYS B 451 6.94 -28.10 -24.45
N THR B 452 7.56 -28.96 -25.25
CA THR B 452 9.02 -29.27 -25.25
C THR B 452 9.73 -28.34 -26.22
N PRO B 453 11.07 -28.17 -26.13
CA PRO B 453 11.83 -27.43 -27.14
C PRO B 453 11.51 -27.89 -28.57
N PHE B 454 11.37 -29.21 -28.76
CA PHE B 454 11.01 -29.86 -30.04
C PHE B 454 9.66 -29.34 -30.53
N ASP B 455 8.65 -29.29 -29.65
CA ASP B 455 7.27 -28.85 -29.97
C ASP B 455 7.30 -27.39 -30.47
N LEU B 456 8.10 -26.53 -29.81
CA LEU B 456 8.23 -25.08 -30.13
C LEU B 456 8.97 -24.90 -31.46
N ALA B 457 9.99 -25.72 -31.73
CA ALA B 457 10.75 -25.75 -33.01
C ALA B 457 9.78 -25.95 -34.18
N ILE B 458 8.91 -26.97 -34.10
CA ILE B 458 7.90 -27.29 -35.14
C ILE B 458 6.86 -26.17 -35.22
N ASP B 459 6.41 -25.64 -34.09
CA ASP B 459 5.36 -24.59 -34.02
C ASP B 459 5.74 -23.40 -34.92
N ASN B 460 7.01 -23.00 -34.93
CA ASN B 460 7.52 -21.76 -35.58
C ASN B 460 8.24 -22.09 -36.89
N GLY B 461 7.87 -23.20 -37.54
CA GLY B 461 8.40 -23.66 -38.84
C GLY B 461 9.91 -23.67 -38.88
N ASN B 462 10.55 -24.23 -37.84
CA ASN B 462 12.03 -24.35 -37.72
C ASN B 462 12.42 -25.83 -37.85
N GLU B 463 12.18 -26.40 -39.04
CA GLU B 463 12.24 -27.86 -39.34
C GLU B 463 13.66 -28.41 -39.13
N ASP B 464 14.69 -27.60 -39.41
CA ASP B 464 16.12 -28.00 -39.23
C ASP B 464 16.41 -28.23 -37.73
N ILE B 465 15.87 -27.38 -36.85
CA ILE B 465 16.14 -27.42 -35.37
C ILE B 465 15.31 -28.54 -34.72
N ALA B 466 14.10 -28.80 -35.22
CA ALA B 466 13.24 -29.94 -34.81
C ALA B 466 14.03 -31.24 -35.06
N GLU B 467 14.73 -31.32 -36.20
CA GLU B 467 15.57 -32.47 -36.62
C GLU B 467 16.67 -32.71 -35.58
N VAL B 468 17.46 -31.69 -35.25
CA VAL B 468 18.64 -31.82 -34.33
C VAL B 468 18.12 -32.25 -32.95
N LEU B 469 16.97 -31.71 -32.53
CA LEU B 469 16.30 -32.04 -31.24
C LEU B 469 15.76 -33.47 -31.27
N GLN B 470 15.11 -33.89 -32.37
CA GLN B 470 14.74 -35.32 -32.59
C GLN B 470 15.96 -36.19 -32.32
N LYS B 471 17.09 -35.86 -32.97
CA LYS B 471 18.42 -36.55 -32.84
C LYS B 471 18.88 -36.53 -31.37
N ALA B 472 18.75 -35.39 -30.69
CA ALA B 472 19.08 -35.23 -29.26
C ALA B 472 18.19 -36.15 -28.41
N ALA B 473 16.91 -36.29 -28.78
CA ALA B 473 15.91 -37.10 -28.05
C ALA B 473 16.22 -38.60 -28.22
N THR B 474 16.39 -39.06 -29.46
CA THR B 474 16.71 -40.49 -29.77
C THR B 474 18.06 -40.86 -29.14
N ARG B 475 19.01 -39.91 -29.07
CA ARG B 475 20.36 -40.07 -28.47
C ARG B 475 20.22 -40.47 -27.00
N GLU B 476 19.33 -39.80 -26.25
CA GLU B 476 19.00 -40.12 -24.84
C GLU B 476 18.51 -41.59 -24.76
N LEU B 477 17.63 -41.99 -25.69
CA LEU B 477 16.94 -43.30 -25.71
C LEU B 477 17.96 -44.45 -25.83
N GLU B 478 19.05 -44.26 -26.57
CA GLU B 478 20.10 -45.29 -26.82
C GLU B 478 20.90 -45.54 -25.53
N VAL B 479 21.06 -44.50 -24.69
CA VAL B 479 21.74 -44.57 -23.37
C VAL B 479 20.93 -45.52 -22.46
N LEU B 480 19.78 -45.05 -21.96
CA LEU B 480 18.86 -45.81 -21.06
C LEU B 480 17.92 -46.66 -21.92
N GLY C 1 -32.33 25.27 21.11
CA GLY C 1 -31.81 23.92 20.75
C GLY C 1 -31.32 23.16 21.97
N GLY C 2 -30.11 22.59 21.90
CA GLY C 2 -29.47 21.84 22.99
C GLY C 2 -29.88 20.38 23.03
N ARG C 3 -30.85 19.95 22.20
CA ARG C 3 -31.35 18.55 22.17
C ARG C 3 -30.47 17.71 21.24
N ARG C 4 -29.37 17.19 21.79
CA ARG C 4 -28.39 16.34 21.08
C ARG C 4 -28.97 14.93 20.89
N PRO C 5 -28.64 14.20 19.80
CA PRO C 5 -29.04 12.80 19.67
C PRO C 5 -28.29 11.90 20.68
N TYR C 6 -28.91 10.77 21.04
CA TYR C 6 -28.31 9.79 21.97
C TYR C 6 -27.91 8.52 21.21
N ILE C 7 -28.36 8.39 19.96
CA ILE C 7 -28.14 7.19 19.10
C ILE C 7 -26.97 7.49 18.16
N LEU C 8 -25.91 6.69 18.28
CA LEU C 8 -24.65 6.80 17.50
C LEU C 8 -24.71 5.74 16.38
N GLY D 1 15.65 -33.30 27.05
CA GLY D 1 16.12 -32.03 27.69
C GLY D 1 14.97 -31.29 28.36
N GLY D 2 13.95 -30.90 27.58
CA GLY D 2 12.69 -30.30 28.05
C GLY D 2 12.88 -28.98 28.78
N ARG D 3 14.11 -28.44 28.84
CA ARG D 3 14.44 -27.17 29.54
C ARG D 3 14.30 -26.01 28.54
N ARG D 4 13.07 -25.58 28.26
CA ARG D 4 12.81 -24.50 27.28
C ARG D 4 12.97 -23.14 27.96
N PRO D 5 13.33 -22.08 27.21
CA PRO D 5 13.53 -20.75 27.82
C PRO D 5 12.25 -20.23 28.48
N TYR D 6 12.42 -19.32 29.44
CA TYR D 6 11.32 -18.62 30.15
C TYR D 6 11.30 -17.14 29.74
N ILE D 7 12.38 -16.68 29.09
CA ILE D 7 12.54 -15.28 28.59
C ILE D 7 12.09 -15.24 27.12
N LEU D 8 11.02 -14.47 26.84
CA LEU D 8 10.51 -14.20 25.47
C LEU D 8 11.22 -12.96 24.89
C1 BNG E . -12.44 -16.13 12.06
C2 BNG E . -11.34 -16.83 12.84
C3 BNG E . -10.08 -16.94 12.00
C4 BNG E . -10.38 -17.58 10.63
C5 BNG E . -11.63 -17.00 9.95
C6 BNG E . -12.05 -17.87 8.76
C1' BNG E . -14.21 -14.68 12.79
C2' BNG E . -15.05 -14.36 14.02
C3' BNG E . -16.25 -15.29 14.16
C4' BNG E . -17.48 -14.55 14.71
C5' BNG E . -17.54 -14.53 16.24
C6' BNG E . -18.75 -13.76 16.75
C7' BNG E . -20.06 -14.44 16.37
C8' BNG E . -21.24 -14.03 17.24
C9' BNG E . -21.65 -15.14 18.19
O1 BNG E . -13.61 -15.98 12.88
O2 BNG E . -11.06 -16.12 14.06
O3 BNG E . -9.09 -17.69 12.72
O4 BNG E . -9.24 -17.39 9.77
O5 BNG E . -12.74 -16.89 10.88
O6 BNG E . -12.72 -17.05 7.80
H1 BNG E . -12.06 -15.14 11.75
H2 BNG E . -11.69 -17.85 13.09
H3 BNG E . -9.71 -15.92 11.82
H4 BNG E . -10.53 -18.66 10.79
H5 BNG E . -11.38 -16.00 9.58
H61 BNG E . -12.73 -18.65 9.10
H62 BNG E . -11.18 -18.33 8.30
H1'1 BNG E . -14.83 -14.62 11.89
H1'2 BNG E . -13.44 -13.92 12.70
H2'1 BNG E . -15.37 -13.32 13.96
H2'2 BNG E . -14.42 -14.46 14.90
H3'1 BNG E . -15.99 -16.11 14.83
H3'2 BNG E . -16.50 -15.71 13.19
H4'1 BNG E . -18.37 -15.05 14.33
H4'2 BNG E . -17.49 -13.53 14.34
H5'1 BNG E . -16.63 -14.07 16.63
H5'2 BNG E . -17.57 -15.56 16.61
H6'1 BNG E . -18.73 -12.75 16.35
H6'2 BNG E . -18.69 -13.68 17.85
H7'1 BNG E . -19.94 -15.52 16.42
H7'2 BNG E . -20.29 -14.19 15.33
H8'1 BNG E . -22.09 -13.76 16.62
H8'2 BNG E . -20.97 -13.14 17.83
H9'1 BNG E . -22.46 -14.82 18.79
H9'2 BNG E . -21.93 -15.99 17.63
H9'3 BNG E . -20.83 -15.40 18.81
HO2 BNG E . -11.89 -15.99 14.54
HO3 BNG E . -8.94 -17.16 13.55
HO4 BNG E . -8.46 -17.82 10.22
HO6 BNG E . -12.77 -16.21 8.06
C1 BNG F . -8.33 -17.58 16.22
C2 BNG F . -7.13 -18.49 15.94
C3 BNG F . -7.59 -19.71 15.14
C4 BNG F . -8.76 -20.40 15.83
C5 BNG F . -9.88 -19.41 16.15
C6 BNG F . -11.03 -20.06 16.92
C1' BNG F . -8.92 -15.59 17.47
C2' BNG F . -9.31 -14.61 16.36
C3' BNG F . -10.77 -14.19 16.47
C4' BNG F . -10.91 -12.85 17.18
C5' BNG F . -12.37 -12.49 17.33
C6' BNG F . -12.98 -11.97 16.03
C7' BNG F . -14.43 -11.53 16.27
C8' BNG F . -14.86 -10.40 15.33
C9' BNG F . -16.27 -9.93 15.66
O1 BNG F . -7.87 -16.46 17.01
O2 BNG F . -6.10 -17.77 15.23
O3 BNG F . -6.49 -20.62 14.98
O4 BNG F . -9.25 -21.46 15.00
O5 BNG F . -9.35 -18.32 16.90
O6 BNG F . -12.19 -19.24 16.88
H1 BNG F . -8.72 -17.22 15.27
H2 BNG F . -6.73 -18.84 16.89
H3 BNG F . -7.93 -19.37 14.15
H4 BNG F . -8.39 -20.83 16.78
H5 BNG F . -10.28 -19.04 15.19
H61 BNG F . -10.72 -20.22 17.96
H62 BNG F . -11.27 -21.04 16.49
H1'1 BNG F . -8.56 -15.03 18.33
H1'2 BNG F . -9.79 -16.17 17.79
H2'1 BNG F . -9.13 -15.05 15.38
H2'2 BNG F . -8.68 -13.72 16.44
H3'1 BNG F . -11.36 -14.95 17.02
H3'2 BNG F . -11.19 -14.11 15.47
H4'1 BNG F . -10.40 -12.08 16.59
H4'2 BNG F . -10.44 -12.90 18.16
H5'1 BNG F . -12.47 -11.72 18.10
H5'2 BNG F . -12.94 -13.36 17.67
H6'1 BNG F . -12.96 -12.74 15.27
H6'2 BNG F . -12.40 -11.12 15.67
H7'1 BNG F . -14.56 -11.20 17.30
H7'2 BNG F . -15.10 -12.38 16.11
H8'1 BNG F . -14.85 -10.75 14.30
H8'2 BNG F . -14.17 -9.57 15.41
H9'1 BNG F . -16.58 -9.21 14.96
H9'2 BNG F . -16.94 -10.76 15.63
H9'3 BNG F . -16.28 -9.52 16.64
HO2 BNG F . -5.92 -17.02 15.77
HO3 BNG F . -5.79 -20.22 14.67
HO4 BNG F . -8.66 -22.01 14.66
HO6 BNG F . -12.02 -18.38 16.37
C1 BNG G . -27.80 -11.23 28.20
C2 BNG G . -26.49 -11.99 28.43
C3 BNG G . -25.95 -11.70 29.82
C4 BNG G . -25.88 -10.20 30.10
C5 BNG G . -27.14 -9.44 29.65
C6 BNG G . -26.94 -7.92 29.68
C1' BNG G . -28.86 -10.60 26.05
C2' BNG G . -28.07 -10.65 24.76
C3' BNG G . -28.80 -9.99 23.59
C4' BNG G . -27.82 -9.67 22.47
C5' BNG G . -28.47 -8.88 21.34
C6' BNG G . -27.44 -8.03 20.60
C7' BNG G . -26.43 -8.93 19.88
C8' BNG G . -25.55 -8.14 18.90
C9' BNG G . -24.16 -8.73 18.86
O1 BNG G . -28.33 -11.61 26.92
O2 BNG G . -26.68 -13.41 28.28
O3 BNG G . -24.64 -12.28 29.95
O4 BNG G . -25.65 -10.02 31.51
O5 BNG G . -27.53 -9.82 28.32
O6 BNG G . -25.87 -7.48 30.54
H1 BNG G . -28.51 -11.52 28.99
H2 BNG G . -25.75 -11.64 27.70
H3 BNG G . -26.62 -12.16 30.57
H4 BNG G . -25.02 -9.80 29.54
H5 BNG G . -27.95 -9.68 30.36
H61 BNG G . -27.88 -7.45 30.01
H62 BNG G . -26.74 -7.56 28.66
H1'1 BNG G . -28.80 -9.61 26.49
H1'2 BNG G . -29.91 -10.82 25.84
H2'1 BNG G . -27.86 -11.69 24.50
H2'2 BNG G . -27.11 -10.16 24.91
H3'1 BNG G . -29.27 -9.06 23.95
H3'2 BNG G . -29.59 -10.65 23.23
H4'1 BNG G . -27.42 -10.60 22.07
H4'2 BNG G . -26.98 -9.09 22.88
H5'1 BNG G . -29.25 -8.24 21.74
H5'2 BNG G . -28.94 -9.58 20.63
H6'1 BNG G . -26.91 -7.39 21.32
H6'2 BNG G . -27.95 -7.38 19.89
H7'1 BNG G . -26.96 -9.70 19.32
H7'2 BNG G . -25.79 -9.42 20.61
H8'1 BNG G . -25.50 -7.09 19.22
H8'2 BNG G . -25.99 -8.16 17.91
H9'1 BNG G . -23.57 -8.20 18.16
H9'2 BNG G . -23.71 -8.65 19.81
H9'3 BNG G . -24.23 -9.75 18.58
HO2 BNG G . -27.12 -13.66 27.45
HO3 BNG G . -24.94 -13.34 29.99
HO4 BNG G . -25.01 -10.51 31.83
HO6 BNG G . -25.50 -8.28 30.89
C1 BNG H . 1.56 10.19 21.30
C2 BNG H . 0.18 10.80 21.48
C3 BNG H . -0.39 11.24 20.15
C4 BNG H . 0.60 12.15 19.39
C5 BNG H . 2.06 11.68 19.45
C6 BNG H . 2.99 12.85 19.05
C1' BNG H . 2.83 8.52 22.52
C2' BNG H . 2.88 7.82 23.89
C3' BNG H . 3.64 8.61 24.95
C4' BNG H . 4.38 7.70 25.94
C5' BNG H . 3.47 7.10 27.02
C6' BNG H . 4.21 6.07 27.87
C7' BNG H . 5.07 6.70 28.97
C8' BNG H . 6.47 6.10 29.11
C9' BNG H . 6.53 4.99 30.15
O1 BNG H . 2.04 9.72 22.57
O2 BNG H . -0.72 9.86 22.08
O3 BNG H . -1.64 11.92 20.37
O4 BNG H . 0.19 12.20 18.01
O5 BNG H . 2.43 11.19 20.76
O6 BNG H . 3.96 12.41 18.08
H1 BNG H . 1.48 9.35 20.59
H2 BNG H . 0.27 11.68 22.14
H3 BNG H . -0.56 10.34 19.54
H4 BNG H . 0.53 13.14 19.83
H5 BNG H . 2.19 10.89 18.71
H61 BNG H . 3.50 13.23 19.94
H62 BNG H . 2.39 13.66 18.63
H1'1 BNG H . 3.85 8.76 22.20
H1'2 BNG H . 2.40 7.83 21.79
H2'1 BNG H . 3.34 6.84 23.76
H2'2 BNG H . 1.85 7.67 24.23
H3'1 BNG H . 2.93 9.23 25.51
H3'2 BNG H . 4.36 9.27 24.47
H4'1 BNG H . 5.16 8.28 26.43
H4'2 BNG H . 4.88 6.90 25.39
H5'1 BNG H . 2.62 6.62 26.54
H5'2 BNG H . 3.09 7.89 27.65
H6'1 BNG H . 4.83 5.45 27.23
H6'2 BNG H . 3.48 5.40 28.34
H7'1 BNG H . 4.55 6.61 29.92
H7'2 BNG H . 5.17 7.78 28.76
H8'1 BNG H . 7.17 6.89 29.38
H8'2 BNG H . 6.79 5.70 28.14
H9'1 BNG H . 7.53 4.63 30.21
H9'2 BNG H . 6.24 5.38 31.08
H9'3 BNG H . 5.88 4.22 29.88
HO2 BNG H . -0.35 9.53 22.89
HO3 BNG H . -2.23 11.26 20.77
HO4 BNG H . -0.72 12.44 17.92
HO6 BNG H . 3.96 11.54 18.03
C1 BNG I . -4.57 10.97 22.43
C2 BNG I . -5.26 12.11 21.68
C3 BNG I . -4.39 13.35 21.84
C4 BNG I . -4.24 13.69 23.32
C5 BNG I . -3.78 12.47 24.14
C6 BNG I . -3.88 12.74 25.64
C1' BNG I . -4.82 8.62 23.00
C2' BNG I . -3.33 8.32 22.82
C3' BNG I . -2.97 6.93 23.34
C4' BNG I . -1.58 6.54 22.88
C5' BNG I . -0.91 5.52 23.80
C6' BNG I . 0.43 5.12 23.21
C7' BNG I . 1.29 4.33 24.20
C8' BNG I . 2.58 3.88 23.55
C9' BNG I . 3.33 2.91 24.43
O1 BNG I . -5.24 9.72 22.18
O2 BNG I . -5.49 11.79 20.30
O3 BNG I . -4.94 14.45 21.10
O4 BNG I . -3.31 14.75 23.49
O5 BNG I . -4.57 11.31 23.83
O6 BNG I . -2.99 13.79 26.03
H1 BNG I . -3.53 10.91 22.08
H2 BNG I . -6.22 12.31 22.17
H3 BNG I . -3.39 13.13 21.45
H4 BNG I . -5.23 13.99 23.70
H5 BNG I . -2.73 12.27 23.90
H61 BNG I . -3.63 11.82 26.19
H62 BNG I . -4.91 13.01 25.90
H1'1 BNG I . -5.40 7.73 22.71
H1'2 BNG I . -5.03 8.83 24.04
H2'1 BNG I . -2.75 9.06 23.38
H2'2 BNG I . -3.06 8.40 21.78
H3'1 BNG I . -3.69 6.21 22.99
H3'2 BNG I . -3.01 6.94 24.44
H4'1 BNG I . -0.95 7.43 22.82
H4'2 BNG I . -1.65 6.12 21.88
H5'1 BNG I . -1.55 4.65 23.91
H5'2 BNG I . -0.77 5.96 24.79
H6'1 BNG I . 0.97 5.99 22.89
H6'2 BNG I . 0.26 4.49 22.33
H7'1 BNG I . 0.73 3.46 24.56
H7'2 BNG I . 1.51 4.96 25.07
H8'1 BNG I . 3.22 4.74 23.34
H8'2 BNG I . 2.35 3.40 22.58
H9'1 BNG I . 4.17 2.54 23.90
H9'2 BNG I . 3.63 3.39 25.32
H9'3 BNG I . 2.69 2.10 24.66
HO2 BNG I . -5.92 11.00 20.25
HO3 BNG I . -5.18 14.30 20.33
HO4 BNG I . -3.49 15.51 23.03
HO6 BNG I . -2.53 14.15 25.28
C1 BNG J . 6.34 -1.42 41.70
C2 BNG J . 5.59 -0.77 42.89
C3 BNG J . 4.32 -1.50 43.30
C4 BNG J . 3.52 -1.95 42.09
C5 BNG J . 4.45 -2.79 41.21
C6 BNG J . 3.72 -3.46 40.06
C1' BNG J . 8.13 -0.91 40.15
C2' BNG J . 7.92 -0.11 38.87
C3' BNG J . 9.17 -0.14 37.98
C4' BNG J . 8.78 -0.05 36.50
C5' BNG J . 10.01 -0.08 35.60
C6' BNG J . 9.75 -0.86 34.30
C7' BNG J . 9.17 0.02 33.19
C8' BNG J . 9.39 -0.63 31.83
C9' BNG J . 8.70 0.12 30.72
O1 BNG J . 7.21 -0.43 41.13
O2 BNG J . 6.48 -0.71 44.02
O3 BNG J . 3.50 -0.64 44.11
O4 BNG J . 2.35 -2.67 42.51
O5 BNG J . 5.45 -1.91 40.70
O6 BNG J . 3.03 -4.65 40.45
H1 BNG J . 6.95 -2.25 42.09
H2 BNG J . 5.32 0.25 42.60
H3 BNG J . 4.59 -2.39 43.89
H4 BNG J . 3.21 -1.05 41.52
H5 BNG J . 4.91 -3.57 41.84
H61 BNG J . 4.45 -3.69 39.27
H62 BNG J . 3.00 -2.74 39.66
H1'1 BNG J . 7.97 -1.97 39.96
H1'2 BNG J . 9.16 -0.77 40.51
H2'1 BNG J . 7.68 0.92 39.13
H2'2 BNG J . 7.07 -0.53 38.32
H3'1 BNG J . 9.73 -1.05 38.16
H3'2 BNG J . 9.81 0.72 38.23
H4'1 BNG J . 8.23 0.87 36.32
H4'2 BNG J . 8.12 -0.89 36.26
H5'1 BNG J . 10.84 -0.55 36.13
H5'2 BNG J . 10.30 0.94 35.36
H6'1 BNG J . 9.07 -1.69 34.50
H6'2 BNG J . 10.69 -1.29 33.96
H7'1 BNG J . 9.64 1.01 33.21
H7'2 BNG J . 8.10 0.16 33.36
H8'1 BNG J . 9.03 -1.66 31.85
H8'2 BNG J . 10.47 -0.67 31.61
H9'1 BNG J . 8.89 -0.36 29.79
H9'2 BNG J . 7.66 0.13 30.90
H9'3 BNG J . 9.06 1.12 30.69
HO2 BNG J . 7.28 -0.10 43.72
HO3 BNG J . 4.09 -0.47 44.96
HO4 BNG J . 1.88 -2.17 43.14
HO6 BNG J . 3.25 -4.88 41.35
C1 BNG K . 12.27 23.93 -1.97
C2 BNG K . 13.22 25.11 -1.80
C3 BNG K . 12.74 26.33 -2.61
C4 BNG K . 12.41 25.91 -4.05
C5 BNG K . 11.52 24.67 -4.11
C6 BNG K . 11.29 24.21 -5.55
C1' BNG K . 12.16 21.56 -1.54
C2' BNG K . 10.71 21.57 -1.05
C3' BNG K . 10.10 20.18 -1.01
C4' BNG K . 9.04 20.07 0.07
C5' BNG K . 8.67 18.61 0.32
C6' BNG K . 9.66 17.93 1.24
C7' BNG K . 9.81 16.48 0.86
C8' BNG K . 10.74 15.75 1.83
C9' BNG K . 10.82 14.29 1.46
O1 BNG K . 12.79 22.80 -1.25
O2 BNG K . 13.29 25.44 -0.40
O3 BNG K . 13.72 27.37 -2.61
O4 BNG K . 11.72 27.00 -4.69
O5 BNG K . 12.12 23.60 -3.36
O6 BNG K . 9.97 23.67 -5.65
H1 BNG K . 11.30 24.22 -1.56
H2 BNG K . 14.21 24.82 -2.16
H3 BNG K . 11.82 26.70 -2.14
H4 BNG K . 13.35 25.71 -4.58
H5 BNG K . 10.55 24.93 -3.67
H61 BNG K . 12.02 23.44 -5.82
H62 BNG K . 11.40 25.04 -6.24
H1'1 BNG K . 12.70 20.75 -1.03
H1'2 BNG K . 12.19 21.35 -2.60
H2'1 BNG K . 10.12 22.19 -1.73
H2'2 BNG K . 10.68 22.02 -0.05
H3'1 BNG K . 10.88 19.43 -0.84
H3'2 BNG K . 9.65 19.96 -1.99
H4'1 BNG K . 8.15 20.63 -0.23
H4'2 BNG K . 9.41 20.51 1.00
H5'1 BNG K . 8.63 18.09 -0.64
H5'2 BNG K . 7.67 18.58 0.76
H6'1 BNG K . 9.29 17.99 2.27
H6'2 BNG K . 10.63 18.43 1.21
H7'1 BNG K . 10.24 16.42 -0.15
H7'2 BNG K . 8.84 16.00 0.84
H8'1 BNG K . 10.34 15.84 2.85
H8'2 BNG K . 11.73 16.20 1.81
H9'1 BNG K . 11.46 13.79 2.14
H9'2 BNG K . 9.85 13.86 1.50
H9'3 BNG K . 11.21 14.19 0.48
HO2 BNG K . 13.67 24.67 0.03
HO3 BNG K . 13.90 27.63 -1.70
HO4 BNG K . 12.32 27.81 -4.69
HO6 BNG K . 9.63 23.60 -4.86
C1 BNG L . 12.95 29.14 5.59
C2 BNG L . 11.48 29.24 6.01
C3 BNG L . 10.93 27.85 6.31
C4 BNG L . 11.13 26.96 5.09
C5 BNG L . 12.63 26.91 4.75
C6 BNG L . 12.96 26.04 3.54
C1' BNG L . 14.53 30.41 4.29
C2' BNG L . 15.17 31.79 4.28
C3' BNG L . 14.27 32.85 3.66
C4' BNG L . 14.81 33.36 2.33
C5' BNG L . 15.84 34.49 2.52
C6' BNG L . 17.29 34.01 2.36
C7' BNG L . 18.26 35.15 2.63
C8' BNG L . 19.68 34.71 2.35
C9' BNG L . 20.67 35.78 2.76
O1 BNG L . 13.46 30.43 5.24
O2 BNG L . 11.34 30.12 7.14
O3 BNG L . 9.54 27.89 6.66
O4 BNG L . 10.61 25.64 5.35
O5 BNG L . 13.09 28.24 4.48
O6 BNG L . 14.28 25.52 3.74
H1 BNG L . 13.53 28.75 6.44
H2 BNG L . 10.92 29.66 5.16
H3 BNG L . 11.50 27.43 7.15
H4 BNG L . 10.59 27.40 4.24
H5 BNG L . 13.16 26.52 5.62
H61 BNG L . 12.92 26.63 2.63
H62 BNG L . 12.25 25.22 3.45
H1'1 BNG L . 14.16 30.17 3.29
H1'2 BNG L . 15.27 29.66 4.58
H2'1 BNG L . 16.13 31.73 3.74
H2'2 BNG L . 15.39 32.07 5.31
H3'1 BNG L . 14.17 33.68 4.36
H3'2 BNG L . 13.28 32.43 3.50
H4'1 BNG L . 13.99 33.75 1.73
H4'2 BNG L . 15.27 32.54 1.78
H5'1 BNG L . 15.72 34.95 3.50
H5'2 BNG L . 15.65 35.25 1.77
H6'1 BNG L . 17.43 33.66 1.34
H6'2 BNG L . 17.50 33.20 3.04
H7'1 BNG L . 18.17 35.48 3.66
H7'2 BNG L . 18.01 36.01 1.99
H8'1 BNG L . 19.81 34.50 1.28
H8'2 BNG L . 19.90 33.79 2.89
H9'1 BNG L . 21.66 35.41 2.67
H9'2 BNG L . 20.54 36.62 2.13
H9'3 BNG L . 20.48 36.07 3.76
HO2 BNG L . 11.68 30.99 6.88
HO3 BNG L . 9.40 28.49 7.38
HO4 BNG L . 9.62 25.73 5.47
HO6 BNG L . 14.60 25.76 4.62
#